data_3UDT
#
_entry.id   3UDT
#
_cell.length_a   59.362
_cell.length_b   59.913
_cell.length_c   83.146
_cell.angle_alpha   90.02
_cell.angle_beta   97.04
_cell.angle_gamma   116.81
#
_symmetry.space_group_name_H-M   'P 1'
#
loop_
_entity.id
_entity.type
_entity.pdbx_description
1 polymer 'Inositol-pentakisphosphate 2-kinase'
2 non-polymer MYO-INOSITOL-(1,3,4,5,6)-PENTAKISPHOSPHATE
3 non-polymer "ADENOSINE-5'-DIPHOSPHATE"
4 non-polymer 'MAGNESIUM ION'
5 non-polymer 'ZINC ION'
#
_entity_poly.entity_id   1
_entity_poly.type   'polypeptide(L)'
_entity_poly.pdbx_seq_one_letter_code
;MGSSHHHHHHSSGLVPRGSHMASMTGGQQMGRILMEMILEEKDASDWIYRGEGGANLVLAYAGSSPLFVGKVIRIQKARR
NDKAIKNSNGVVSVLTSDEQHLWRENNELISSPNKEVLEQRYVQNVIIPLLGPKHVDAGVRVSVSKEFLECVDKKVTKQR
PLWRVNAANVDTSHDSALILNDHSLFSQGITSGGDCISVEIKPKCGFLPTSRFIGKENILKTSVSRFKMHQLLKLEYIEI
SEESEYDPLDLFSGSKERVLEAIKALYSTPQNNFRVFLNGSLILGGSGESTGRTSPEIGYAFEDALKGFIQSEDGHRTEC
FLQLVSDAVYGSGVLDRLLEIQKLDKLDIEGAIHCYYDIINQPCPICKEGRPLEAELSLHALPLDESLKIVKEYLIAATA
KDCSIMISFQSRNAWDSEPSGDYVSLKPTNQTFDYKVHFIDLSLKPLKRMESYYKLDKKIISFYNRKQKAENTAEQIGNS
KPSHSDYKDDDDK
;
_entity_poly.pdbx_strand_id   A,B
#
# COMPACT_ATOMS: atom_id res chain seq x y z
N LEU A 39 36.03 -14.17 9.90
CA LEU A 39 35.25 -14.93 8.90
C LEU A 39 35.41 -14.45 7.43
N GLU A 40 35.87 -15.34 6.56
CA GLU A 40 36.25 -14.94 5.19
C GLU A 40 35.37 -15.52 4.08
N GLU A 41 35.56 -14.98 2.87
CA GLU A 41 34.81 -15.42 1.68
C GLU A 41 34.69 -16.94 1.50
N LYS A 42 35.73 -17.69 1.89
CA LYS A 42 35.75 -19.14 1.66
C LYS A 42 34.97 -19.98 2.69
N ASP A 43 34.71 -19.37 3.85
CA ASP A 43 33.86 -19.96 4.89
C ASP A 43 32.38 -19.94 4.48
N ALA A 44 32.07 -19.27 3.38
CA ALA A 44 30.70 -19.09 2.93
C ALA A 44 30.08 -20.43 2.59
N SER A 45 30.93 -21.33 2.07
CA SER A 45 30.53 -22.66 1.62
C SER A 45 29.99 -23.49 2.78
N ASP A 46 30.47 -23.17 3.98
CA ASP A 46 30.13 -23.90 5.20
C ASP A 46 28.81 -23.47 5.82
N TRP A 47 28.04 -22.69 5.09
CA TRP A 47 26.72 -22.25 5.57
C TRP A 47 25.61 -22.55 4.57
N ILE A 48 24.48 -23.04 5.07
CA ILE A 48 23.37 -23.41 4.21
C ILE A 48 22.09 -22.68 4.60
N TYR A 49 21.28 -22.37 3.60
CA TYR A 49 20.04 -21.63 3.80
C TYR A 49 19.10 -22.34 4.78
N ARG A 50 18.56 -21.59 5.74
CA ARG A 50 17.65 -22.12 6.76
C ARG A 50 16.29 -21.40 6.81
N GLY A 51 16.25 -20.17 6.32
CA GLY A 51 15.01 -19.41 6.33
C GLY A 51 15.25 -17.92 6.54
N GLU A 52 14.17 -17.15 6.54
CA GLU A 52 14.26 -15.72 6.81
C GLU A 52 12.90 -15.18 7.22
N GLY A 53 12.90 -13.99 7.78
CA GLY A 53 11.67 -13.29 8.09
C GLY A 53 11.69 -11.99 7.31
N GLY A 54 11.08 -10.94 7.85
CA GLY A 54 11.12 -9.67 7.16
C GLY A 54 12.52 -9.04 7.17
N ALA A 55 13.30 -9.35 8.21
CA ALA A 55 14.51 -8.58 8.54
C ALA A 55 15.88 -9.31 8.51
N ASN A 56 15.91 -10.60 8.81
CA ASN A 56 17.17 -11.36 8.81
C ASN A 56 17.18 -12.62 7.95
N LEU A 57 18.37 -12.95 7.48
CA LEU A 57 18.62 -14.19 6.78
C LEU A 57 19.22 -15.12 7.81
N VAL A 58 18.86 -16.40 7.74
CA VAL A 58 19.39 -17.37 8.69
C VAL A 58 19.96 -18.65 8.03
N LEU A 59 21.25 -18.87 8.29
CA LEU A 59 22.01 -20.01 7.75
C LEU A 59 22.44 -20.97 8.86
N ALA A 60 22.29 -22.28 8.62
CA ALA A 60 22.77 -23.31 9.56
C ALA A 60 24.14 -23.81 9.12
N TYR A 61 24.99 -24.17 10.09
CA TYR A 61 26.35 -24.65 9.81
C TYR A 61 26.40 -26.11 9.38
N ALA A 62 26.96 -26.34 8.20
CA ALA A 62 27.09 -27.67 7.63
C ALA A 62 28.51 -28.15 7.79
N GLY A 63 29.29 -27.40 8.56
CA GLY A 63 30.71 -27.64 8.68
C GLY A 63 31.09 -28.62 9.75
N SER A 64 32.40 -28.74 9.96
CA SER A 64 32.96 -29.70 10.91
C SER A 64 33.50 -28.95 12.13
N SER A 65 33.69 -27.64 11.94
CA SER A 65 34.27 -26.74 12.95
C SER A 65 33.55 -26.82 14.30
N PRO A 66 34.31 -27.08 15.37
CA PRO A 66 33.67 -27.14 16.69
C PRO A 66 33.11 -25.78 17.07
N LEU A 67 33.71 -24.72 16.52
CA LEU A 67 33.29 -23.35 16.78
C LEU A 67 31.83 -23.13 16.40
N PHE A 68 31.41 -23.80 15.33
CA PHE A 68 30.11 -23.52 14.71
C PHE A 68 29.15 -24.73 14.61
N VAL A 69 29.45 -25.85 15.26
CA VAL A 69 28.52 -26.97 15.20
C VAL A 69 27.34 -26.72 16.13
N GLY A 70 26.12 -26.89 15.61
CA GLY A 70 24.91 -26.58 16.36
C GLY A 70 24.57 -25.10 16.39
N LYS A 71 25.17 -24.33 15.48
CA LYS A 71 24.95 -22.89 15.42
C LYS A 71 24.28 -22.54 14.12
N VAL A 72 23.51 -21.47 14.16
CA VAL A 72 23.02 -20.82 12.96
C VAL A 72 23.65 -19.44 12.92
N ILE A 73 23.69 -18.81 11.76
CA ILE A 73 24.24 -17.47 11.69
C ILE A 73 23.14 -16.55 11.22
N ARG A 74 22.95 -15.45 11.92
CA ARG A 74 21.83 -14.57 11.64
C ARG A 74 22.36 -13.32 11.02
N ILE A 75 21.86 -13.00 9.83
CA ILE A 75 22.41 -11.91 9.04
C ILE A 75 21.35 -10.87 8.69
N GLN A 76 21.61 -9.61 9.03
CA GLN A 76 20.67 -8.52 8.75
C GLN A 76 20.55 -8.18 7.25
N LYS A 77 19.33 -7.86 6.83
CA LYS A 77 19.04 -7.50 5.45
C LYS A 77 18.83 -5.99 5.32
N ALA A 78 19.14 -5.47 4.14
CA ALA A 78 18.84 -4.10 3.81
C ALA A 78 17.69 -4.14 2.82
N ARG A 79 16.56 -3.61 3.24
CA ARG A 79 15.42 -3.43 2.35
C ARG A 79 15.76 -2.25 1.44
N ARG A 80 14.96 -2.02 0.40
CA ARG A 80 15.22 -0.90 -0.52
C ARG A 80 13.95 -0.11 -0.88
N VAL A 94 22.65 4.82 13.34
CA VAL A 94 22.40 3.67 14.25
C VAL A 94 21.09 3.73 15.07
N LEU A 95 20.99 4.71 15.97
CA LEU A 95 19.71 5.06 16.55
C LEU A 95 19.46 6.52 16.21
N THR A 96 18.22 6.82 15.87
CA THR A 96 17.87 8.18 15.62
C THR A 96 17.89 8.95 16.94
N SER A 97 17.77 10.27 16.86
CA SER A 97 17.79 11.09 18.05
C SER A 97 16.64 10.67 18.96
N ASP A 98 15.49 10.39 18.36
CA ASP A 98 14.30 10.17 19.16
C ASP A 98 14.38 8.81 19.85
N GLU A 99 14.99 7.85 19.18
CA GLU A 99 15.24 6.54 19.76
C GLU A 99 16.21 6.64 20.91
N GLN A 100 17.32 7.36 20.71
CA GLN A 100 18.29 7.51 21.80
C GLN A 100 17.55 7.93 23.05
N HIS A 101 16.64 8.89 22.92
CA HIS A 101 15.87 9.38 24.04
C HIS A 101 14.87 8.36 24.59
N LEU A 102 14.22 7.62 23.69
CA LEU A 102 13.19 6.67 24.09
C LEU A 102 13.76 5.59 24.97
N TRP A 103 14.89 5.04 24.52
CA TRP A 103 15.55 3.93 25.20
C TRP A 103 16.72 4.39 26.06
N ARG A 104 16.65 5.66 26.49
CA ARG A 104 17.74 6.30 27.20
C ARG A 104 17.93 5.67 28.56
N GLU A 105 16.93 4.92 29.02
CA GLU A 105 17.02 4.26 30.32
C GLU A 105 18.15 3.24 30.34
N ASN A 106 18.52 2.69 29.19
CA ASN A 106 19.70 1.81 29.13
C ASN A 106 20.83 2.38 28.28
N ASN A 107 21.92 2.74 28.93
CA ASN A 107 22.94 3.52 28.26
C ASN A 107 23.78 2.70 27.32
N GLU A 108 24.11 1.49 27.75
CA GLU A 108 24.83 0.57 26.87
C GLU A 108 24.03 0.33 25.61
N LEU A 109 22.73 0.10 25.78
CA LEU A 109 21.85 -0.12 24.65
C LEU A 109 21.98 0.96 23.57
N ILE A 110 21.95 2.24 23.96
CA ILE A 110 21.88 3.35 22.99
C ILE A 110 23.23 3.87 22.52
N SER A 111 24.31 3.30 23.04
CA SER A 111 25.63 3.70 22.56
C SER A 111 26.18 2.61 21.65
N SER A 112 25.33 1.63 21.33
CA SER A 112 25.70 0.55 20.43
C SER A 112 26.22 1.12 19.13
N PRO A 113 27.38 0.62 18.70
CA PRO A 113 28.15 0.96 17.49
C PRO A 113 27.52 0.45 16.18
N ASN A 114 26.79 -0.65 16.27
CA ASN A 114 26.05 -1.23 15.16
C ASN A 114 24.81 -2.00 15.59
N LYS A 115 24.06 -2.44 14.59
CA LYS A 115 22.74 -3.03 14.81
C LYS A 115 22.79 -4.42 15.44
N GLU A 116 23.88 -5.15 15.23
CA GLU A 116 24.02 -6.49 15.79
C GLU A 116 24.16 -6.40 17.29
N VAL A 117 25.08 -5.57 17.75
CA VAL A 117 25.24 -5.33 19.18
C VAL A 117 23.99 -4.66 19.74
N LEU A 118 23.25 -3.96 18.87
CA LEU A 118 22.03 -3.32 19.30
C LEU A 118 21.02 -4.38 19.74
N GLU A 119 20.62 -5.26 18.82
CA GLU A 119 19.68 -6.35 19.13
C GLU A 119 20.20 -7.20 20.30
N GLN A 120 21.52 -7.41 20.35
CA GLN A 120 22.17 -8.16 21.42
C GLN A 120 21.86 -7.54 22.78
N ARG A 121 22.10 -6.25 22.91
CA ARG A 121 21.87 -5.57 24.18
C ARG A 121 20.37 -5.41 24.48
N TYR A 122 19.58 -5.16 23.43
CA TYR A 122 18.13 -5.05 23.55
C TYR A 122 17.60 -6.27 24.27
N VAL A 123 17.77 -7.43 23.64
CA VAL A 123 17.36 -8.69 24.22
C VAL A 123 17.90 -8.85 25.64
N GLN A 124 19.21 -8.69 25.79
CA GLN A 124 19.87 -8.84 27.07
C GLN A 124 19.36 -7.88 28.16
N ASN A 125 19.36 -6.59 27.87
CA ASN A 125 19.10 -5.58 28.88
C ASN A 125 17.64 -5.14 29.08
N VAL A 126 16.83 -5.29 28.04
CA VAL A 126 15.42 -4.88 28.08
C VAL A 126 14.46 -6.06 28.09
N ILE A 127 14.74 -7.07 27.26
CA ILE A 127 13.83 -8.21 27.11
C ILE A 127 14.02 -9.32 28.14
N ILE A 128 15.25 -9.81 28.31
CA ILE A 128 15.55 -10.84 29.33
C ILE A 128 14.94 -10.58 30.70
N PRO A 129 15.15 -9.37 31.26
CA PRO A 129 14.56 -9.00 32.55
C PRO A 129 13.06 -9.23 32.58
N LEU A 130 12.44 -9.33 31.41
CA LEU A 130 11.00 -9.44 31.32
C LEU A 130 10.54 -10.88 31.08
N LEU A 131 11.29 -11.68 30.34
CA LEU A 131 10.90 -13.04 30.01
C LEU A 131 11.71 -14.10 30.74
N GLY A 132 12.71 -13.67 31.52
CA GLY A 132 13.59 -14.61 32.19
C GLY A 132 14.53 -15.21 31.17
N PRO A 133 15.73 -15.63 31.62
CA PRO A 133 16.78 -16.04 30.69
C PRO A 133 16.77 -17.53 30.34
N LYS A 134 15.80 -18.30 30.81
CA LYS A 134 15.82 -19.75 30.60
C LYS A 134 15.42 -20.16 29.17
N HIS A 135 14.76 -19.26 28.48
CA HIS A 135 14.25 -19.55 27.14
C HIS A 135 14.71 -18.51 26.12
N VAL A 136 15.48 -17.52 26.57
CA VAL A 136 15.98 -16.48 25.70
C VAL A 136 17.50 -16.51 25.59
N ASP A 137 18.01 -16.50 24.35
CA ASP A 137 19.45 -16.42 24.07
C ASP A 137 19.76 -15.18 23.19
N ALA A 138 20.61 -14.31 23.72
CA ALA A 138 20.92 -13.02 23.09
C ALA A 138 21.94 -13.15 21.97
N GLY A 139 22.54 -14.33 21.83
CA GLY A 139 23.40 -14.61 20.69
C GLY A 139 24.76 -13.94 20.73
N VAL A 140 25.80 -14.69 20.40
CA VAL A 140 27.16 -14.14 20.42
C VAL A 140 27.50 -13.46 19.10
N ARG A 141 28.21 -12.34 19.19
CA ARG A 141 28.61 -11.57 18.03
C ARG A 141 29.89 -12.10 17.37
N VAL A 142 29.90 -12.10 16.04
CA VAL A 142 31.04 -12.58 15.25
C VAL A 142 31.36 -11.64 14.11
N SER A 143 32.63 -11.48 13.76
CA SER A 143 32.99 -10.60 12.65
C SER A 143 32.86 -11.25 11.25
N VAL A 144 32.34 -10.49 10.29
CA VAL A 144 32.24 -10.97 8.93
C VAL A 144 32.89 -9.98 7.97
N SER A 145 33.40 -10.50 6.85
CA SER A 145 33.97 -9.69 5.78
C SER A 145 32.92 -9.38 4.72
N LYS A 146 33.17 -8.34 3.94
CA LYS A 146 32.26 -7.95 2.85
C LYS A 146 32.08 -9.08 1.83
N GLU A 147 33.19 -9.72 1.45
CA GLU A 147 33.12 -10.76 0.42
C GLU A 147 32.45 -12.02 0.96
N PHE A 148 32.48 -12.17 2.28
CA PHE A 148 31.77 -13.26 2.92
C PHE A 148 30.26 -13.09 2.73
N LEU A 149 29.75 -11.92 3.11
CA LEU A 149 28.33 -11.60 2.99
C LEU A 149 27.90 -11.58 1.54
N GLU A 150 28.70 -10.93 0.71
CA GLU A 150 28.42 -10.93 -0.72
C GLU A 150 28.30 -12.36 -1.24
N CYS A 151 29.32 -13.18 -0.96
CA CYS A 151 29.35 -14.57 -1.43
C CYS A 151 28.18 -15.40 -0.88
N VAL A 152 27.97 -15.32 0.44
CA VAL A 152 26.85 -15.97 1.10
C VAL A 152 25.53 -15.58 0.42
N ASP A 153 25.36 -14.28 0.18
CA ASP A 153 24.17 -13.74 -0.49
C ASP A 153 23.99 -14.35 -1.88
N LYS A 154 25.07 -14.42 -2.65
CA LYS A 154 25.08 -15.04 -3.97
C LYS A 154 24.55 -16.48 -3.84
N LYS A 155 25.07 -17.18 -2.85
CA LYS A 155 24.79 -18.61 -2.61
C LYS A 155 23.32 -18.96 -2.36
N VAL A 156 22.62 -18.15 -1.57
CA VAL A 156 21.29 -18.50 -1.08
C VAL A 156 20.12 -18.08 -1.98
N THR A 157 20.31 -17.01 -2.75
CA THR A 157 19.30 -16.50 -3.68
C THR A 157 18.41 -17.57 -4.32
N LYS A 158 19.06 -18.65 -4.74
CA LYS A 158 18.40 -19.77 -5.41
C LYS A 158 17.28 -20.42 -4.56
N GLN A 159 17.47 -20.50 -3.24
CA GLN A 159 16.51 -21.12 -2.34
C GLN A 159 15.57 -20.12 -1.62
N ARG A 160 15.84 -18.84 -1.84
CA ARG A 160 15.02 -17.77 -1.29
C ARG A 160 13.75 -17.58 -2.13
N PRO A 161 12.65 -17.14 -1.49
CA PRO A 161 11.42 -16.84 -2.25
C PRO A 161 11.63 -15.61 -3.09
N LEU A 162 10.89 -15.50 -4.19
CA LEU A 162 11.10 -14.43 -5.16
C LEU A 162 10.86 -13.02 -4.59
N TRP A 163 9.72 -12.83 -3.94
CA TRP A 163 9.30 -11.53 -3.41
C TRP A 163 10.15 -11.12 -2.20
N ARG A 164 10.84 -12.08 -1.62
CA ARG A 164 11.77 -11.79 -0.53
C ARG A 164 13.07 -11.27 -1.13
N VAL A 165 13.35 -11.70 -2.36
CA VAL A 165 14.55 -11.30 -3.09
C VAL A 165 14.35 -9.90 -3.71
N ASN A 166 13.16 -9.66 -4.24
CA ASN A 166 12.78 -8.35 -4.77
C ASN A 166 12.91 -7.27 -3.71
N ALA A 167 12.49 -7.59 -2.49
CA ALA A 167 12.39 -6.59 -1.43
C ALA A 167 13.71 -6.32 -0.69
N ALA A 168 14.49 -7.38 -0.43
CA ALA A 168 15.74 -7.23 0.31
C ALA A 168 16.88 -8.16 -0.11
N ASN A 169 18.10 -7.73 0.19
CA ASN A 169 19.29 -8.58 0.12
C ASN A 169 20.01 -8.52 1.46
N VAL A 170 21.21 -9.07 1.49
CA VAL A 170 22.02 -8.96 2.68
C VAL A 170 22.60 -7.55 2.70
N ASP A 171 22.70 -6.98 3.89
CA ASP A 171 23.37 -5.69 4.09
C ASP A 171 24.88 -5.95 4.16
N THR A 172 25.53 -5.96 2.99
CA THR A 172 26.95 -6.33 2.93
C THR A 172 27.83 -5.24 3.54
N SER A 173 27.22 -4.19 4.05
CA SER A 173 27.98 -3.13 4.69
C SER A 173 28.24 -3.40 6.18
N HIS A 174 27.57 -4.40 6.74
CA HIS A 174 27.74 -4.72 8.17
C HIS A 174 29.03 -5.53 8.40
N ASP A 175 29.85 -5.12 9.36
CA ASP A 175 31.08 -5.85 9.65
C ASP A 175 30.87 -6.89 10.75
N SER A 176 29.60 -7.08 11.13
CA SER A 176 29.24 -7.99 12.22
C SER A 176 28.03 -8.86 11.83
N ALA A 177 27.84 -9.97 12.57
CA ALA A 177 26.66 -10.86 12.44
C ALA A 177 26.45 -11.70 13.71
N LEU A 178 25.21 -12.12 13.97
CA LEU A 178 24.87 -12.84 15.21
C LEU A 178 24.87 -14.37 15.08
N ILE A 179 25.57 -15.05 15.98
CA ILE A 179 25.56 -16.51 16.04
C ILE A 179 24.71 -17.02 17.21
N LEU A 180 23.65 -17.75 16.88
CA LEU A 180 22.74 -18.30 17.87
C LEU A 180 22.83 -19.83 17.83
N ASN A 181 22.24 -20.52 18.81
CA ASN A 181 22.21 -21.98 18.83
C ASN A 181 21.10 -22.52 17.93
N ASP A 182 21.40 -23.54 17.15
CA ASP A 182 20.41 -24.10 16.25
C ASP A 182 19.37 -24.89 17.04
N HIS A 183 18.22 -24.28 17.29
CA HIS A 183 17.19 -24.87 18.14
C HIS A 183 16.46 -26.05 17.46
N SER A 184 16.81 -26.32 16.21
CA SER A 184 16.27 -27.50 15.53
C SER A 184 17.22 -28.67 15.74
N LEU A 185 18.06 -28.53 16.77
CA LEU A 185 19.13 -29.45 17.12
C LEU A 185 19.23 -29.48 18.65
N PHE A 186 19.06 -30.68 19.23
CA PHE A 186 18.97 -30.84 20.69
C PHE A 186 20.34 -30.73 21.37
N ASP A 195 17.88 -38.30 16.91
CA ASP A 195 16.94 -37.60 16.04
C ASP A 195 16.24 -36.43 16.73
N CYS A 196 15.93 -35.38 15.96
CA CYS A 196 15.41 -34.16 16.56
C CYS A 196 14.25 -33.52 15.80
N ILE A 197 13.09 -33.46 16.47
CA ILE A 197 11.93 -32.79 15.89
C ILE A 197 11.61 -31.49 16.63
N SER A 198 11.90 -30.39 15.96
CA SER A 198 11.61 -29.06 16.48
C SER A 198 10.38 -28.52 15.76
N VAL A 199 9.74 -27.55 16.39
CA VAL A 199 8.52 -26.98 15.84
C VAL A 199 8.57 -25.49 16.04
N GLU A 200 8.35 -24.72 14.99
CA GLU A 200 8.39 -23.27 15.15
C GLU A 200 6.98 -22.69 15.14
N ILE A 201 6.64 -21.96 16.18
CA ILE A 201 5.34 -21.32 16.23
C ILE A 201 5.46 -19.79 16.23
N LYS A 202 4.71 -19.14 15.36
CA LYS A 202 4.59 -17.68 15.40
C LYS A 202 3.16 -17.38 15.85
N PRO A 203 2.98 -17.14 17.17
CA PRO A 203 1.69 -16.96 17.83
C PRO A 203 0.93 -15.66 17.48
N LYS A 204 1.68 -14.57 17.28
CA LYS A 204 1.07 -13.26 17.05
C LYS A 204 0.39 -12.76 18.32
N CYS A 205 -0.44 -11.72 18.19
CA CYS A 205 -1.10 -11.19 19.38
C CYS A 205 -2.29 -12.04 19.83
N GLY A 206 -2.21 -12.52 21.06
CA GLY A 206 -3.26 -13.38 21.61
C GLY A 206 -4.23 -12.71 22.57
N PHE A 207 -4.65 -11.48 22.25
CA PHE A 207 -5.61 -10.76 23.09
C PHE A 207 -6.36 -9.61 22.40
N LEU A 208 -7.48 -9.24 23.01
CA LEU A 208 -8.31 -8.19 22.48
C LEU A 208 -7.96 -6.84 23.12
N PRO A 209 -7.98 -5.78 22.30
CA PRO A 209 -7.75 -4.42 22.84
C PRO A 209 -8.99 -3.94 23.56
N THR A 210 -8.85 -2.93 24.41
CA THR A 210 -9.95 -2.59 25.31
C THR A 210 -10.00 -1.07 25.51
N SER A 211 -9.03 -0.39 24.91
CA SER A 211 -8.84 1.07 24.96
C SER A 211 -10.07 2.01 24.79
N ARG A 212 -10.12 3.03 25.65
CA ARG A 212 -11.10 4.10 25.55
C ARG A 212 -10.83 4.99 24.34
N PHE A 213 -9.81 4.60 23.57
CA PHE A 213 -9.32 5.43 22.48
C PHE A 213 -9.66 4.81 21.10
N ILE A 214 -10.32 3.66 21.15
CA ILE A 214 -10.84 3.00 19.95
C ILE A 214 -12.20 3.61 19.60
N GLY A 215 -12.28 4.23 18.42
CA GLY A 215 -13.48 4.97 18.00
C GLY A 215 -14.78 4.17 17.94
N LYS A 216 -15.89 4.88 17.95
CA LYS A 216 -17.22 4.25 17.86
C LYS A 216 -17.31 3.40 16.61
N GLU A 217 -16.68 3.90 15.55
CA GLU A 217 -16.70 3.25 14.24
C GLU A 217 -15.89 1.95 14.25
N ASN A 218 -15.13 1.74 15.31
CA ASN A 218 -14.31 0.54 15.45
C ASN A 218 -14.76 -0.34 16.62
N ILE A 219 -15.99 -0.84 16.53
CA ILE A 219 -16.55 -1.69 17.59
C ILE A 219 -16.27 -3.16 17.31
N LEU A 220 -15.52 -3.43 16.25
CA LEU A 220 -15.17 -4.80 15.88
C LEU A 220 -13.77 -5.16 16.36
N LYS A 221 -13.01 -4.16 16.76
CA LYS A 221 -11.65 -4.36 17.25
C LYS A 221 -11.60 -4.91 18.67
N THR A 222 -12.69 -4.74 19.42
CA THR A 222 -12.74 -5.31 20.77
C THR A 222 -13.43 -6.65 20.77
N SER A 223 -13.85 -7.12 19.60
CA SER A 223 -14.60 -8.37 19.54
C SER A 223 -13.85 -9.40 18.74
N VAL A 224 -13.04 -8.92 17.79
CA VAL A 224 -12.40 -9.79 16.80
C VAL A 224 -10.87 -9.63 16.79
N SER A 225 -10.16 -10.76 16.89
CA SER A 225 -8.72 -10.75 16.97
C SER A 225 -8.11 -10.01 15.78
N ARG A 226 -6.97 -9.36 16.00
CA ARG A 226 -6.27 -8.61 14.94
C ARG A 226 -5.77 -9.54 13.86
N PHE A 227 -5.47 -10.78 14.25
CA PHE A 227 -5.04 -11.83 13.33
C PHE A 227 -6.15 -12.10 12.34
N LYS A 228 -7.35 -12.30 12.88
CA LYS A 228 -8.47 -12.72 12.07
C LYS A 228 -8.90 -11.63 11.10
N MET A 229 -8.83 -10.39 11.53
CA MET A 229 -9.10 -9.28 10.64
C MET A 229 -7.99 -9.19 9.59
N HIS A 230 -6.76 -9.48 9.98
CA HIS A 230 -5.67 -9.28 9.06
C HIS A 230 -5.71 -10.29 7.95
N GLN A 231 -6.17 -11.49 8.29
CA GLN A 231 -6.39 -12.53 7.28
C GLN A 231 -7.16 -12.01 6.09
N LEU A 232 -8.18 -11.19 6.31
CA LEU A 232 -8.99 -10.71 5.20
C LEU A 232 -8.18 -9.84 4.29
N LEU A 233 -7.41 -8.92 4.86
CA LEU A 233 -6.57 -8.01 4.09
C LEU A 233 -5.52 -8.80 3.34
N LYS A 234 -4.85 -9.69 4.03
CA LYS A 234 -3.79 -10.46 3.40
C LYS A 234 -4.34 -11.12 2.15
N LEU A 235 -5.42 -11.85 2.32
CA LEU A 235 -6.13 -12.50 1.24
C LEU A 235 -6.41 -11.53 0.10
N GLU A 236 -6.83 -10.32 0.45
CA GLU A 236 -7.23 -9.31 -0.54
C GLU A 236 -6.09 -8.81 -1.41
N TYR A 237 -4.87 -8.82 -0.87
CA TYR A 237 -3.69 -8.42 -1.60
C TYR A 237 -2.92 -9.63 -2.08
N ILE A 238 -3.63 -10.74 -2.30
CA ILE A 238 -3.03 -11.97 -2.81
C ILE A 238 -1.70 -12.35 -2.11
N GLU A 239 -1.68 -12.20 -0.78
CA GLU A 239 -0.51 -12.54 0.02
C GLU A 239 -0.66 -13.93 0.63
N ILE A 240 -1.92 -14.33 0.88
CA ILE A 240 -2.28 -15.71 1.24
C ILE A 240 -3.37 -16.23 0.32
N SER A 241 -3.51 -17.55 0.26
CA SER A 241 -4.49 -18.17 -0.64
C SER A 241 -5.85 -18.50 -0.05
N GLU A 242 -5.90 -18.75 1.25
CA GLU A 242 -7.18 -18.95 1.92
C GLU A 242 -7.02 -18.59 3.38
N GLU A 243 -8.12 -18.12 3.98
CA GLU A 243 -8.12 -17.70 5.35
C GLU A 243 -7.59 -18.78 6.32
N SER A 244 -6.75 -18.35 7.24
CA SER A 244 -6.18 -19.26 8.21
C SER A 244 -7.25 -19.76 9.19
N GLU A 245 -7.14 -21.02 9.60
CA GLU A 245 -8.03 -21.59 10.60
C GLU A 245 -7.55 -21.22 12.01
N TYR A 246 -6.30 -20.79 12.10
CA TYR A 246 -5.67 -20.47 13.38
C TYR A 246 -6.29 -19.25 14.06
N ASP A 247 -6.44 -19.39 15.37
CA ASP A 247 -6.92 -18.29 16.19
C ASP A 247 -6.04 -18.17 17.45
N PRO A 248 -5.31 -17.05 17.57
CA PRO A 248 -4.36 -16.87 18.67
C PRO A 248 -5.06 -16.90 20.03
N LEU A 249 -6.31 -16.41 20.07
CA LEU A 249 -7.07 -16.39 21.31
C LEU A 249 -7.18 -17.80 21.95
N ASP A 250 -7.33 -18.82 21.08
CA ASP A 250 -7.22 -20.22 21.48
C ASP A 250 -5.85 -20.61 22.03
N LEU A 251 -4.78 -20.15 21.40
CA LEU A 251 -3.46 -20.54 21.84
C LEU A 251 -3.10 -19.93 23.18
N PHE A 252 -3.41 -18.66 23.35
CA PHE A 252 -3.08 -17.96 24.59
C PHE A 252 -4.18 -18.10 25.64
N SER A 253 -5.22 -18.85 25.32
CA SER A 253 -6.35 -19.02 26.23
C SER A 253 -5.97 -19.70 27.54
N GLY A 254 -4.79 -20.31 27.58
CA GLY A 254 -4.39 -20.97 28.80
C GLY A 254 -5.31 -22.14 29.15
N SER A 255 -6.13 -22.56 28.20
CA SER A 255 -6.90 -23.79 28.32
C SER A 255 -6.26 -24.89 27.46
N LYS A 256 -6.06 -26.07 28.05
CA LYS A 256 -5.41 -27.15 27.34
C LYS A 256 -6.19 -27.56 26.11
N GLU A 257 -7.48 -27.76 26.27
CA GLU A 257 -8.35 -28.16 25.17
C GLU A 257 -8.20 -27.20 24.00
N ARG A 258 -8.09 -25.90 24.31
CA ARG A 258 -8.08 -24.84 23.30
C ARG A 258 -6.72 -24.62 22.63
N VAL A 259 -5.65 -24.92 23.36
CA VAL A 259 -4.30 -24.97 22.77
C VAL A 259 -4.20 -26.04 21.70
N LEU A 260 -4.65 -27.25 22.06
CA LEU A 260 -4.81 -28.34 21.12
C LEU A 260 -5.59 -27.88 19.86
N GLU A 261 -6.72 -27.25 20.06
CA GLU A 261 -7.48 -26.70 18.95
C GLU A 261 -6.55 -25.87 18.06
N ALA A 262 -5.84 -24.91 18.65
CA ALA A 262 -4.94 -24.02 17.91
C ALA A 262 -3.82 -24.75 17.14
N ILE A 263 -3.23 -25.76 17.77
CA ILE A 263 -2.19 -26.58 17.13
C ILE A 263 -2.70 -27.40 15.94
N LYS A 264 -3.88 -27.99 16.05
CA LYS A 264 -4.53 -28.57 14.88
C LYS A 264 -4.70 -27.52 13.79
N ALA A 265 -5.32 -26.41 14.16
CA ALA A 265 -5.49 -25.29 13.25
C ALA A 265 -4.17 -24.84 12.60
N LEU A 266 -3.08 -24.90 13.35
CA LEU A 266 -1.81 -24.49 12.76
C LEU A 266 -1.33 -25.52 11.72
N TYR A 267 -1.44 -26.79 12.07
CA TYR A 267 -1.10 -27.87 11.17
C TYR A 267 -1.84 -27.74 9.84
N SER A 268 -3.13 -27.47 9.90
CA SER A 268 -3.96 -27.39 8.69
C SER A 268 -3.53 -26.28 7.75
N THR A 269 -3.63 -25.05 8.23
CA THR A 269 -3.26 -23.90 7.45
C THR A 269 -2.11 -23.24 8.19
N PRO A 270 -0.88 -23.64 7.87
CA PRO A 270 0.31 -23.16 8.60
C PRO A 270 0.69 -21.70 8.29
N GLN A 271 0.37 -21.21 7.10
CA GLN A 271 0.90 -19.93 6.66
C GLN A 271 2.33 -19.72 7.20
N ASN A 272 2.65 -18.52 7.70
CA ASN A 272 3.99 -18.27 8.23
C ASN A 272 4.07 -18.44 9.75
N ASN A 273 3.10 -19.19 10.29
CA ASN A 273 2.89 -19.36 11.73
C ASN A 273 3.41 -20.68 12.33
N PHE A 274 3.67 -21.67 11.48
CA PHE A 274 3.97 -23.03 11.90
C PHE A 274 4.97 -23.67 10.95
N ARG A 275 5.91 -24.40 11.51
CA ARG A 275 6.95 -25.08 10.74
C ARG A 275 7.49 -26.25 11.55
N VAL A 276 7.82 -27.33 10.86
CA VAL A 276 8.43 -28.48 11.51
C VAL A 276 9.75 -28.87 10.84
N PHE A 277 10.75 -29.18 11.67
CA PHE A 277 12.07 -29.54 11.18
C PHE A 277 12.47 -30.90 11.72
N LEU A 278 12.97 -31.75 10.83
CA LEU A 278 13.62 -33.00 11.20
C LEU A 278 15.13 -32.80 11.00
N ASN A 279 15.88 -32.90 12.10
CA ASN A 279 17.32 -32.69 12.07
C ASN A 279 17.75 -31.39 11.40
N GLY A 280 16.84 -30.41 11.35
CA GLY A 280 17.16 -29.12 10.78
C GLY A 280 16.66 -28.89 9.36
N SER A 281 15.87 -29.82 8.84
CA SER A 281 15.34 -29.64 7.50
C SER A 281 13.82 -29.58 7.51
N LEU A 282 13.29 -28.58 6.84
CA LEU A 282 11.84 -28.33 6.79
C LEU A 282 11.06 -29.56 6.32
N ILE A 283 10.06 -29.97 7.10
CA ILE A 283 9.19 -31.07 6.68
C ILE A 283 7.72 -30.65 6.64
N LEU A 284 7.46 -29.41 7.05
CA LEU A 284 6.10 -28.87 6.99
C LEU A 284 6.17 -27.37 7.24
N GLY A 285 5.57 -26.57 6.36
CA GLY A 285 5.67 -25.13 6.48
C GLY A 285 6.49 -24.51 5.38
N GLY A 286 6.24 -23.24 5.07
CA GLY A 286 6.93 -22.58 3.96
C GLY A 286 8.38 -22.32 4.30
N SER A 287 9.23 -22.22 3.29
CA SER A 287 10.63 -21.89 3.52
C SER A 287 10.88 -20.40 3.30
N GLY A 288 11.10 -19.66 4.40
CA GLY A 288 11.25 -18.22 4.35
C GLY A 288 9.97 -17.50 3.95
N GLU A 289 8.83 -18.16 4.12
CA GLU A 289 7.56 -17.59 3.69
C GLU A 289 6.34 -18.37 4.19
N SER A 290 5.16 -17.87 3.79
CA SER A 290 3.88 -18.53 4.03
C SER A 290 3.66 -19.70 3.07
N THR A 291 2.90 -20.71 3.51
CA THR A 291 2.62 -21.86 2.68
C THR A 291 1.12 -22.14 2.62
N GLY A 292 0.71 -22.81 1.54
CA GLY A 292 -0.69 -23.14 1.36
C GLY A 292 -1.22 -24.18 2.33
N ARG A 293 -2.54 -24.28 2.41
CA ARG A 293 -3.14 -25.26 3.30
C ARG A 293 -2.45 -26.60 3.12
N THR A 294 -2.38 -27.37 4.19
CA THR A 294 -1.80 -28.71 4.14
C THR A 294 -2.73 -29.69 3.41
N SER A 295 -2.32 -30.08 2.21
CA SER A 295 -3.15 -30.94 1.36
C SER A 295 -2.98 -32.39 1.79
N PRO A 296 -3.81 -33.27 1.23
CA PRO A 296 -3.64 -34.68 1.57
C PRO A 296 -2.25 -35.24 1.18
N GLU A 297 -1.63 -34.75 0.12
CA GLU A 297 -0.28 -35.21 -0.25
C GLU A 297 0.73 -34.78 0.79
N ILE A 298 0.58 -33.54 1.26
CA ILE A 298 1.45 -33.01 2.31
C ILE A 298 1.25 -33.88 3.55
N GLY A 299 0.00 -34.07 3.94
CA GLY A 299 -0.31 -34.88 5.10
C GLY A 299 0.48 -36.18 5.13
N TYR A 300 0.45 -36.91 4.00
CA TYR A 300 1.05 -38.24 3.90
C TYR A 300 2.58 -38.23 4.03
N ALA A 301 3.22 -37.25 3.40
CA ALA A 301 4.68 -37.17 3.43
C ALA A 301 5.23 -36.66 4.77
N PHE A 302 4.47 -35.78 5.43
CA PHE A 302 4.76 -35.33 6.78
C PHE A 302 4.57 -36.51 7.71
N GLU A 303 3.39 -37.14 7.61
CA GLU A 303 3.12 -38.41 8.29
C GLU A 303 4.29 -39.39 8.17
N ASP A 304 4.75 -39.65 6.95
CA ASP A 304 5.90 -40.53 6.73
C ASP A 304 7.22 -40.02 7.33
N ALA A 305 7.40 -38.71 7.36
CA ALA A 305 8.61 -38.11 7.94
C ALA A 305 8.69 -38.39 9.44
N LEU A 306 7.56 -38.82 9.99
CA LEU A 306 7.42 -39.04 11.42
C LEU A 306 7.88 -40.43 11.88
N LYS A 307 7.77 -41.41 10.97
CA LYS A 307 8.08 -42.79 11.28
C LYS A 307 9.32 -42.89 12.14
N GLY A 308 9.26 -43.76 13.14
CA GLY A 308 10.42 -43.97 13.99
C GLY A 308 10.40 -43.06 15.20
N PHE A 309 10.22 -41.77 14.96
CA PHE A 309 10.13 -40.79 16.06
C PHE A 309 8.87 -41.02 16.92
N ILE A 310 7.70 -40.83 16.33
CA ILE A 310 6.45 -41.19 17.00
C ILE A 310 6.23 -42.69 16.75
N GLN A 311 6.36 -43.49 17.80
CA GLN A 311 6.19 -44.94 17.65
C GLN A 311 4.70 -45.24 17.49
N SER A 312 4.27 -45.55 16.28
CA SER A 312 2.85 -45.70 15.99
C SER A 312 2.53 -46.38 14.66
N ARG A 317 0.24 -41.12 13.72
CA ARG A 317 1.51 -40.42 13.97
C ARG A 317 1.37 -38.89 14.00
N THR A 318 0.69 -38.32 13.00
CA THR A 318 0.43 -36.89 12.97
C THR A 318 -0.36 -36.41 14.21
N GLU A 319 -1.46 -37.11 14.54
CA GLU A 319 -2.29 -36.70 15.69
C GLU A 319 -1.55 -36.85 17.02
N CYS A 320 -0.82 -37.95 17.16
CA CYS A 320 0.13 -38.14 18.28
C CYS A 320 1.08 -36.96 18.41
N PHE A 321 1.68 -36.56 17.29
CA PHE A 321 2.58 -35.40 17.22
C PHE A 321 1.96 -34.08 17.67
N LEU A 322 0.78 -33.75 17.14
CA LEU A 322 0.11 -32.53 17.54
C LEU A 322 -0.28 -32.53 19.03
N GLN A 323 -0.81 -33.66 19.50
CA GLN A 323 -1.05 -33.83 20.93
C GLN A 323 0.23 -33.53 21.71
N LEU A 324 1.36 -34.08 21.26
CA LEU A 324 2.63 -33.93 21.96
C LEU A 324 3.11 -32.47 21.94
N VAL A 325 2.85 -31.78 20.83
CA VAL A 325 3.22 -30.37 20.71
C VAL A 325 2.34 -29.54 21.64
N SER A 326 1.04 -29.80 21.58
CA SER A 326 0.05 -29.15 22.44
C SER A 326 0.42 -29.30 23.91
N ASP A 327 0.72 -30.52 24.35
CA ASP A 327 1.01 -30.76 25.75
C ASP A 327 2.27 -30.00 26.20
N ALA A 328 3.24 -29.90 25.28
CA ALA A 328 4.51 -29.22 25.52
C ALA A 328 4.33 -27.72 25.77
N VAL A 329 3.82 -27.02 24.76
CA VAL A 329 3.41 -25.63 24.86
C VAL A 329 2.64 -25.35 26.18
N TYR A 330 1.48 -25.97 26.34
CA TYR A 330 0.63 -25.80 27.52
C TYR A 330 1.31 -25.98 28.88
N GLY A 331 2.00 -27.10 29.05
CA GLY A 331 2.62 -27.43 30.32
C GLY A 331 3.95 -26.72 30.58
N SER A 332 4.37 -25.88 29.65
CA SER A 332 5.58 -25.09 29.82
C SER A 332 5.19 -23.65 30.14
N GLY A 333 3.89 -23.36 30.00
CA GLY A 333 3.35 -22.04 30.23
C GLY A 333 4.24 -20.95 29.68
N VAL A 334 4.86 -21.24 28.54
CA VAL A 334 5.79 -20.30 27.94
C VAL A 334 5.04 -19.14 27.30
N LEU A 335 3.79 -19.41 26.94
CA LEU A 335 2.91 -18.43 26.27
C LEU A 335 2.26 -17.45 27.22
N ASP A 336 2.36 -17.68 28.53
CA ASP A 336 1.69 -16.81 29.50
C ASP A 336 2.53 -15.55 29.69
N ARG A 337 3.82 -15.78 29.93
CA ARG A 337 4.78 -14.72 30.15
C ARG A 337 4.84 -13.88 28.89
N LEU A 338 4.86 -14.54 27.73
CA LEU A 338 4.87 -13.81 26.47
C LEU A 338 3.66 -12.90 26.41
N LEU A 339 2.51 -13.44 26.78
CA LEU A 339 1.27 -12.67 26.71
C LEU A 339 1.29 -11.43 27.60
N GLU A 340 1.90 -11.51 28.77
CA GLU A 340 1.94 -10.35 29.68
C GLU A 340 2.72 -9.19 29.07
N ILE A 341 3.69 -9.53 28.21
CA ILE A 341 4.52 -8.55 27.51
C ILE A 341 3.76 -7.90 26.33
N GLN A 342 3.16 -8.74 25.51
CA GLN A 342 2.31 -8.27 24.44
C GLN A 342 1.34 -7.22 25.00
N LYS A 343 0.75 -7.55 26.15
CA LYS A 343 -0.24 -6.70 26.80
C LYS A 343 0.37 -5.42 27.35
N LEU A 344 1.64 -5.20 26.99
CA LEU A 344 2.35 -3.98 27.37
C LEU A 344 1.83 -2.86 26.49
N ASP A 345 1.07 -3.25 25.47
CA ASP A 345 0.29 -2.34 24.62
C ASP A 345 -1.06 -2.00 25.27
N LYS A 346 -1.03 -1.19 26.32
CA LYS A 346 -2.20 -0.96 27.15
C LYS A 346 -3.31 -0.12 26.48
N LEU A 347 -2.96 0.66 25.46
CA LEU A 347 -3.93 1.57 24.88
C LEU A 347 -4.32 1.23 23.44
N ASP A 348 -3.58 0.32 22.81
CA ASP A 348 -3.78 0.05 21.38
C ASP A 348 -3.17 1.19 20.53
N ILE A 349 -2.85 0.93 19.27
CA ILE A 349 -2.22 1.97 18.44
C ILE A 349 -3.05 3.25 18.42
N GLU A 350 -4.37 3.10 18.28
CA GLU A 350 -5.30 4.24 18.30
C GLU A 350 -5.08 5.13 19.52
N GLY A 351 -4.50 4.58 20.57
CA GLY A 351 -4.07 5.37 21.70
C GLY A 351 -2.60 5.79 21.61
N ALA A 352 -1.71 4.82 21.52
CA ALA A 352 -0.27 5.09 21.49
C ALA A 352 0.19 6.14 20.48
N ILE A 353 -0.50 6.28 19.36
CA ILE A 353 0.02 7.07 18.24
C ILE A 353 0.08 8.56 18.61
N HIS A 354 -0.92 8.98 19.39
CA HIS A 354 -1.00 10.34 19.92
C HIS A 354 0.21 10.66 20.77
N CYS A 355 0.61 9.72 21.60
CA CYS A 355 1.80 9.89 22.45
C CYS A 355 3.04 9.99 21.61
N TYR A 356 3.04 9.26 20.50
CA TYR A 356 4.17 9.21 19.59
C TYR A 356 4.41 10.61 19.04
N TYR A 357 3.34 11.29 18.64
CA TYR A 357 3.45 12.67 18.15
C TYR A 357 3.92 13.70 19.19
N ASP A 358 3.55 13.52 20.46
CA ASP A 358 4.10 14.38 21.51
C ASP A 358 5.61 14.14 21.59
N ILE A 359 5.99 12.87 21.74
CA ILE A 359 7.39 12.43 21.83
C ILE A 359 8.33 13.11 20.84
N ILE A 360 7.97 13.06 19.56
CA ILE A 360 8.79 13.61 18.50
C ILE A 360 8.54 15.11 18.30
N ASN A 361 7.64 15.64 19.12
CA ASN A 361 7.35 17.07 19.17
C ASN A 361 6.79 17.59 17.85
N GLN A 362 5.93 16.78 17.26
CA GLN A 362 5.20 17.14 16.09
C GLN A 362 3.73 17.29 16.46
N PRO A 363 3.08 18.30 15.89
CA PRO A 363 1.63 18.48 16.06
C PRO A 363 0.91 17.22 15.64
N CYS A 364 -0.01 16.76 16.47
CA CYS A 364 -0.70 15.52 16.20
C CYS A 364 -1.70 15.66 15.08
N PRO A 365 -1.41 14.99 13.95
CA PRO A 365 -2.24 14.98 12.74
C PRO A 365 -3.53 14.24 13.00
N ILE A 366 -3.50 13.27 13.91
CA ILE A 366 -4.66 12.45 14.23
C ILE A 366 -5.82 13.26 14.80
N CYS A 367 -5.51 14.24 15.65
CA CYS A 367 -6.57 15.09 16.19
C CYS A 367 -7.09 16.19 15.24
N SER A 378 -6.63 15.01 26.11
CA SER A 378 -6.40 14.17 27.32
C SER A 378 -5.08 13.38 27.38
N LEU A 379 -4.83 12.57 26.35
CA LEU A 379 -3.58 11.84 26.24
C LEU A 379 -2.42 12.80 26.07
N HIS A 380 -2.71 13.92 25.41
CA HIS A 380 -1.72 14.96 25.19
C HIS A 380 -1.42 15.81 26.45
N ALA A 381 -2.29 15.71 27.45
CA ALA A 381 -2.09 16.48 28.67
C ALA A 381 -1.07 15.76 29.55
N LEU A 382 -0.38 14.77 28.98
CA LEU A 382 0.50 13.94 29.79
C LEU A 382 1.95 14.39 29.78
N PRO A 383 2.61 14.29 30.94
CA PRO A 383 4.05 14.54 31.10
C PRO A 383 4.90 13.71 30.14
N LEU A 384 5.98 14.30 29.64
CA LEU A 384 6.85 13.66 28.65
C LEU A 384 7.25 12.26 29.07
N ASP A 385 7.77 12.12 30.29
CA ASP A 385 8.18 10.82 30.81
C ASP A 385 7.05 9.81 30.71
N GLU A 386 5.82 10.28 30.92
CA GLU A 386 4.66 9.41 30.80
C GLU A 386 4.46 8.97 29.34
N SER A 387 4.45 9.95 28.44
CA SER A 387 4.29 9.69 27.02
C SER A 387 5.39 8.76 26.56
N LEU A 388 6.60 8.96 27.09
CA LEU A 388 7.73 8.14 26.67
C LEU A 388 7.53 6.67 27.06
N LYS A 389 7.21 6.40 28.31
CA LYS A 389 7.03 5.01 28.77
C LYS A 389 5.94 4.26 27.98
N ILE A 390 4.90 4.96 27.57
CA ILE A 390 3.85 4.36 26.77
C ILE A 390 4.30 3.89 25.38
N VAL A 391 4.99 4.77 24.66
CA VAL A 391 5.52 4.40 23.35
C VAL A 391 6.63 3.33 23.48
N LYS A 392 7.43 3.43 24.54
CA LYS A 392 8.43 2.42 24.85
C LYS A 392 7.80 1.03 24.94
N GLU A 393 6.83 0.90 25.81
CA GLU A 393 6.23 -0.39 26.08
C GLU A 393 5.41 -0.83 24.88
N TYR A 394 4.91 0.11 24.07
CA TYR A 394 4.23 -0.29 22.83
C TYR A 394 5.16 -1.15 21.97
N LEU A 395 6.33 -0.59 21.69
CA LEU A 395 7.38 -1.24 20.92
C LEU A 395 7.85 -2.54 21.57
N ILE A 396 7.96 -2.55 22.88
CA ILE A 396 8.37 -3.76 23.54
C ILE A 396 7.32 -4.83 23.26
N ALA A 397 6.06 -4.44 23.18
CA ALA A 397 4.97 -5.40 22.93
C ALA A 397 4.89 -5.75 21.45
N ALA A 398 5.12 -4.76 20.60
CA ALA A 398 5.38 -5.01 19.19
C ALA A 398 6.30 -6.23 19.04
N THR A 399 7.39 -6.25 19.80
CA THR A 399 8.41 -7.31 19.77
C THR A 399 7.86 -8.69 20.16
N ALA A 400 7.10 -8.72 21.27
CA ALA A 400 6.49 -9.95 21.74
C ALA A 400 5.41 -10.47 20.79
N LYS A 401 4.72 -9.54 20.14
CA LYS A 401 3.67 -9.82 19.15
C LYS A 401 4.17 -10.43 17.82
N ASP A 402 5.48 -10.39 17.60
CA ASP A 402 6.03 -10.83 16.33
C ASP A 402 7.27 -11.71 16.53
N CYS A 403 7.48 -12.16 17.77
CA CYS A 403 8.54 -13.12 18.02
C CYS A 403 7.98 -14.49 17.70
N SER A 404 8.83 -15.49 17.81
CA SER A 404 8.47 -16.88 17.52
C SER A 404 9.00 -17.74 18.64
N ILE A 405 8.46 -18.94 18.72
CA ILE A 405 8.84 -19.93 19.70
C ILE A 405 9.30 -21.22 19.01
N MET A 406 10.45 -21.75 19.42
CA MET A 406 10.93 -23.04 18.94
C MET A 406 10.96 -24.06 20.07
N ILE A 407 10.32 -25.21 19.86
CA ILE A 407 10.33 -26.30 20.83
C ILE A 407 11.01 -27.52 20.24
N SER A 408 12.14 -27.91 20.85
CA SER A 408 12.93 -29.05 20.40
C SER A 408 12.40 -30.29 21.09
N PHE A 409 12.45 -31.42 20.39
CA PHE A 409 11.98 -32.69 20.92
C PHE A 409 12.96 -33.81 20.62
N GLN A 410 13.27 -34.61 21.65
CA GLN A 410 13.98 -35.88 21.46
C GLN A 410 13.56 -36.93 22.49
N SER A 411 13.35 -38.14 21.99
CA SER A 411 12.91 -39.29 22.79
C SER A 411 13.54 -39.34 24.18
N GLY A 421 12.27 -32.45 34.38
CA GLY A 421 11.06 -31.70 34.64
C GLY A 421 10.41 -31.21 33.36
N ASP A 422 11.21 -31.14 32.31
CA ASP A 422 10.70 -30.78 31.00
C ASP A 422 10.71 -32.00 30.07
N TYR A 423 9.68 -32.83 30.21
CA TYR A 423 9.47 -33.97 29.36
C TYR A 423 7.97 -34.09 29.10
N VAL A 424 7.61 -34.78 28.02
CA VAL A 424 6.20 -35.03 27.74
C VAL A 424 5.95 -36.54 27.54
N SER A 425 4.70 -36.98 27.78
CA SER A 425 4.30 -38.37 27.60
C SER A 425 3.10 -38.51 26.66
N PRO A 428 -0.06 -43.43 25.33
CA PRO A 428 -0.63 -44.34 24.33
C PRO A 428 0.44 -45.14 23.57
N THR A 429 1.41 -44.44 22.99
CA THR A 429 2.59 -45.10 22.47
C THR A 429 3.51 -45.39 23.66
N ASN A 430 3.21 -44.73 24.78
CA ASN A 430 3.95 -44.88 26.04
C ASN A 430 5.30 -44.14 26.11
N GLN A 431 5.67 -43.50 25.01
CA GLN A 431 6.95 -42.80 24.92
C GLN A 431 6.96 -41.57 25.79
N THR A 432 8.16 -41.21 26.26
CA THR A 432 8.37 -39.92 26.91
C THR A 432 9.42 -39.13 26.14
N PHE A 433 9.13 -37.86 25.90
CA PHE A 433 10.04 -36.99 25.17
C PHE A 433 10.53 -35.88 26.04
N ASP A 434 11.76 -35.50 25.79
CA ASP A 434 12.31 -34.31 26.38
C ASP A 434 12.16 -33.18 25.38
N TYR A 435 12.11 -31.96 25.92
CA TYR A 435 11.86 -30.81 25.09
C TYR A 435 12.44 -29.55 25.71
N LYS A 436 12.76 -28.60 24.86
CA LYS A 436 13.32 -27.32 25.25
C LYS A 436 12.61 -26.25 24.45
N VAL A 437 12.24 -25.16 25.12
CA VAL A 437 11.47 -24.12 24.48
C VAL A 437 12.32 -22.87 24.41
N HIS A 438 12.41 -22.26 23.24
CA HIS A 438 13.22 -21.04 23.11
C HIS A 438 12.49 -19.93 22.39
N PHE A 439 12.81 -18.69 22.72
CA PHE A 439 12.27 -17.54 22.00
C PHE A 439 13.27 -17.12 20.93
N ILE A 440 12.76 -16.81 19.74
CA ILE A 440 13.60 -16.31 18.68
C ILE A 440 12.94 -15.08 18.10
N ASP A 441 13.75 -14.28 17.43
CA ASP A 441 13.32 -13.05 16.78
C ASP A 441 12.70 -12.09 17.77
N LEU A 442 13.46 -11.73 18.79
CA LEU A 442 13.05 -10.63 19.65
C LEU A 442 13.75 -9.35 19.18
N SER A 443 13.22 -8.75 18.13
CA SER A 443 13.89 -7.66 17.44
C SER A 443 13.36 -6.35 17.96
N LEU A 444 14.21 -5.34 18.04
CA LEU A 444 13.77 -4.02 18.47
C LEU A 444 13.07 -3.36 17.28
N LYS A 445 11.87 -2.83 17.51
CA LYS A 445 11.08 -2.23 16.44
C LYS A 445 11.41 -0.74 16.30
N PRO A 446 11.71 -0.31 15.06
CA PRO A 446 12.01 1.10 14.76
C PRO A 446 10.88 2.03 15.16
N LEU A 447 11.24 3.04 15.95
CA LEU A 447 10.30 4.02 16.46
C LEU A 447 9.46 4.66 15.36
N LYS A 448 10.09 4.96 14.22
CA LYS A 448 9.42 5.55 13.07
C LYS A 448 8.24 4.72 12.64
N ARG A 449 8.28 3.44 12.99
CA ARG A 449 7.28 2.49 12.54
C ARG A 449 5.96 2.69 13.23
N MET A 450 5.90 3.63 14.16
CA MET A 450 4.63 3.93 14.82
C MET A 450 3.67 4.52 13.79
N GLU A 451 4.19 5.26 12.83
CA GLU A 451 3.33 5.84 11.81
C GLU A 451 2.70 4.77 10.92
N SER A 452 3.49 3.84 10.43
CA SER A 452 2.92 2.87 9.52
C SER A 452 2.10 1.85 10.28
N TYR A 453 2.45 1.62 11.55
CA TYR A 453 1.61 0.80 12.43
C TYR A 453 0.19 1.37 12.44
N TYR A 454 0.06 2.68 12.67
CA TYR A 454 -1.25 3.32 12.66
C TYR A 454 -1.94 3.26 11.29
N LYS A 455 -1.17 3.42 10.21
CA LYS A 455 -1.72 3.40 8.86
C LYS A 455 -2.28 2.03 8.51
N LEU A 456 -1.56 0.99 8.90
CA LEU A 456 -1.96 -0.39 8.67
C LEU A 456 -3.16 -0.80 9.53
N ASP A 457 -3.13 -0.43 10.81
CA ASP A 457 -4.25 -0.71 11.69
C ASP A 457 -5.53 -0.10 11.10
N LYS A 458 -5.48 1.19 10.82
CA LYS A 458 -6.52 1.90 10.11
C LYS A 458 -7.05 1.12 8.90
N LYS A 459 -6.12 0.64 8.06
CA LYS A 459 -6.49 -0.09 6.86
C LYS A 459 -7.19 -1.44 7.18
N ILE A 460 -6.69 -2.14 8.19
CA ILE A 460 -7.26 -3.43 8.57
C ILE A 460 -8.71 -3.29 9.01
N ILE A 461 -8.98 -2.41 9.96
CA ILE A 461 -10.35 -2.28 10.45
C ILE A 461 -11.33 -1.71 9.41
N SER A 462 -10.92 -0.73 8.62
CA SER A 462 -11.83 -0.14 7.63
C SER A 462 -12.18 -1.14 6.50
N PHE A 463 -11.27 -2.07 6.23
CA PHE A 463 -11.55 -3.13 5.27
C PHE A 463 -12.43 -4.22 5.90
N TYR A 464 -12.23 -4.49 7.19
CA TYR A 464 -13.08 -5.46 7.88
C TYR A 464 -14.52 -4.93 8.07
N ASN A 465 -14.66 -3.64 8.38
CA ASN A 465 -15.97 -3.04 8.56
C ASN A 465 -16.80 -3.13 7.27
N ARG A 466 -16.21 -2.66 6.16
CA ARG A 466 -16.82 -2.73 4.84
C ARG A 466 -17.36 -4.15 4.54
N LYS A 467 -16.53 -5.16 4.75
CA LYS A 467 -16.92 -6.54 4.46
C LYS A 467 -18.17 -7.01 5.17
N GLN A 468 -18.31 -6.72 6.45
CA GLN A 468 -19.48 -7.18 7.20
C GLN A 468 -20.75 -6.56 6.63
N LYS A 469 -21.63 -7.42 6.09
CA LYS A 469 -22.87 -7.03 5.38
C LYS A 469 -22.99 -7.83 4.08
N LEU B 39 -30.51 19.22 -31.95
CA LEU B 39 -29.25 19.97 -32.16
C LEU B 39 -28.64 19.81 -33.55
N GLU B 40 -28.63 20.90 -34.32
CA GLU B 40 -28.29 20.85 -35.76
C GLU B 40 -27.07 21.69 -36.11
N GLU B 41 -26.80 21.80 -37.41
CA GLU B 41 -25.72 22.65 -37.92
C GLU B 41 -25.77 24.12 -37.44
N LYS B 42 -26.97 24.68 -37.33
CA LYS B 42 -27.12 26.10 -36.97
C LYS B 42 -26.90 26.39 -35.48
N ASP B 43 -27.12 25.38 -34.65
CA ASP B 43 -26.89 25.48 -33.20
C ASP B 43 -25.40 25.37 -32.91
N ALA B 44 -24.63 24.96 -33.91
CA ALA B 44 -23.19 24.81 -33.76
C ALA B 44 -22.52 26.10 -33.28
N SER B 45 -22.99 27.23 -33.80
CA SER B 45 -22.39 28.54 -33.51
C SER B 45 -22.70 29.04 -32.10
N ASP B 46 -23.59 28.33 -31.41
CA ASP B 46 -24.00 28.65 -30.05
C ASP B 46 -23.09 28.02 -28.99
N TRP B 47 -21.95 27.49 -29.43
CA TRP B 47 -21.02 26.81 -28.53
C TRP B 47 -19.59 27.24 -28.83
N ILE B 48 -18.83 27.59 -27.79
CA ILE B 48 -17.43 27.94 -28.00
C ILE B 48 -16.43 27.02 -27.27
N TYR B 49 -15.20 27.03 -27.76
CA TYR B 49 -14.14 26.14 -27.26
C TYR B 49 -13.80 26.39 -25.80
N ARG B 50 -13.84 25.30 -25.01
CA ARG B 50 -13.48 25.35 -23.60
C ARG B 50 -12.21 24.56 -23.27
N GLY B 51 -11.99 23.46 -24.00
CA GLY B 51 -10.79 22.66 -23.77
C GLY B 51 -10.98 21.21 -24.18
N GLU B 52 -9.96 20.39 -23.93
CA GLU B 52 -10.03 18.96 -24.24
C GLU B 52 -8.91 18.19 -23.56
N GLY B 53 -9.08 16.87 -23.50
CA GLY B 53 -8.06 15.96 -22.96
C GLY B 53 -7.75 14.98 -24.06
N GLY B 54 -7.38 13.76 -23.69
CA GLY B 54 -7.08 12.72 -24.70
C GLY B 54 -8.27 12.18 -25.50
N ALA B 55 -9.49 12.36 -24.97
CA ALA B 55 -10.70 11.74 -25.54
C ALA B 55 -11.86 12.68 -25.89
N ASN B 56 -12.08 13.73 -25.10
CA ASN B 56 -13.25 14.58 -25.32
C ASN B 56 -13.00 16.06 -25.62
N LEU B 57 -13.81 16.61 -26.51
CA LEU B 57 -13.91 18.04 -26.71
C LEU B 57 -14.92 18.62 -25.73
N VAL B 58 -14.66 19.82 -25.25
CA VAL B 58 -15.59 20.48 -24.36
C VAL B 58 -15.87 21.92 -24.77
N LEU B 59 -17.15 22.17 -25.04
CA LEU B 59 -17.61 23.47 -25.51
C LEU B 59 -18.51 24.06 -24.45
N ALA B 60 -18.36 25.36 -24.19
CA ALA B 60 -19.24 26.07 -23.25
C ALA B 60 -20.28 26.85 -24.04
N TYR B 61 -21.52 26.78 -23.58
CA TYR B 61 -22.64 27.44 -24.25
C TYR B 61 -22.60 28.96 -24.14
N ALA B 62 -22.54 29.61 -25.29
CA ALA B 62 -22.52 31.07 -25.35
C ALA B 62 -23.86 31.58 -25.83
N GLY B 63 -24.93 30.88 -25.46
CA GLY B 63 -26.24 31.11 -26.04
C GLY B 63 -27.24 31.80 -25.15
N SER B 64 -28.49 31.80 -25.60
CA SER B 64 -29.60 32.47 -24.90
C SER B 64 -30.54 31.44 -24.26
N SER B 65 -30.81 30.36 -25.00
CA SER B 65 -31.64 29.24 -24.55
C SER B 65 -31.42 28.79 -23.10
N PRO B 66 -32.50 28.81 -22.30
CA PRO B 66 -32.51 28.33 -20.91
C PRO B 66 -32.09 26.87 -20.77
N LEU B 67 -32.22 26.09 -21.85
CA LEU B 67 -31.86 24.67 -21.82
C LEU B 67 -30.36 24.40 -21.69
N PHE B 68 -29.56 25.42 -21.98
CA PHE B 68 -28.11 25.27 -22.07
C PHE B 68 -27.33 26.38 -21.36
N VAL B 69 -28.01 27.20 -20.57
CA VAL B 69 -27.23 28.21 -19.87
C VAL B 69 -26.55 27.57 -18.65
N GLY B 70 -25.28 27.92 -18.45
CA GLY B 70 -24.45 27.30 -17.43
C GLY B 70 -24.14 25.83 -17.71
N LYS B 71 -24.01 25.46 -18.99
CA LYS B 71 -23.67 24.11 -19.39
C LYS B 71 -22.51 24.11 -20.37
N VAL B 72 -21.72 23.04 -20.30
CA VAL B 72 -20.75 22.71 -21.34
C VAL B 72 -21.31 21.51 -22.11
N ILE B 73 -20.72 21.17 -23.25
CA ILE B 73 -21.12 19.99 -24.00
C ILE B 73 -19.90 19.13 -24.23
N ARG B 74 -19.96 17.86 -23.82
CA ARG B 74 -18.80 16.98 -23.93
C ARG B 74 -18.93 16.12 -25.15
N ILE B 75 -17.89 16.10 -25.97
CA ILE B 75 -17.93 15.48 -27.30
C ILE B 75 -16.76 14.53 -27.48
N GLN B 76 -17.07 13.26 -27.77
CA GLN B 76 -16.03 12.26 -27.96
C GLN B 76 -15.23 12.43 -29.27
N LYS B 77 -13.92 12.28 -29.15
CA LYS B 77 -13.01 12.31 -30.29
C LYS B 77 -12.75 10.90 -30.83
N ALA B 78 -12.28 10.85 -32.08
CA ALA B 78 -11.83 9.61 -32.67
C ALA B 78 -10.35 9.74 -33.00
N ARG B 79 -9.56 8.88 -32.36
CA ARG B 79 -8.13 8.82 -32.61
C ARG B 79 -7.83 8.11 -33.94
N ARG B 80 -6.58 8.13 -34.38
CA ARG B 80 -6.24 7.62 -35.71
C ARG B 80 -5.15 6.53 -35.73
N VAL B 94 -20.41 -1.81 -28.50
CA VAL B 94 -19.68 -0.71 -27.84
C VAL B 94 -18.65 -1.19 -26.80
N LEU B 95 -18.64 -2.49 -26.52
CA LEU B 95 -17.62 -3.11 -25.71
C LEU B 95 -17.17 -4.38 -26.43
N THR B 96 -15.87 -4.66 -26.37
CA THR B 96 -15.34 -5.86 -26.98
C THR B 96 -15.88 -7.10 -26.27
N SER B 97 -15.67 -8.27 -26.86
CA SER B 97 -16.06 -9.53 -26.22
C SER B 97 -15.41 -9.63 -24.84
N ASP B 98 -14.18 -9.17 -24.73
CA ASP B 98 -13.47 -9.27 -23.46
C ASP B 98 -14.07 -8.30 -22.42
N GLU B 99 -14.37 -7.08 -22.82
CA GLU B 99 -15.00 -6.12 -21.90
C GLU B 99 -16.37 -6.56 -21.35
N GLN B 100 -17.21 -7.16 -22.20
CA GLN B 100 -18.48 -7.76 -21.79
C GLN B 100 -18.24 -8.92 -20.82
N HIS B 101 -17.16 -9.65 -21.06
CA HIS B 101 -16.71 -10.71 -20.18
C HIS B 101 -16.36 -10.10 -18.82
N LEU B 102 -15.46 -9.11 -18.85
CA LEU B 102 -14.98 -8.38 -17.67
C LEU B 102 -16.11 -7.74 -16.87
N TRP B 103 -16.82 -6.82 -17.51
CA TRP B 103 -17.92 -6.08 -16.86
C TRP B 103 -19.21 -6.90 -16.74
N ARG B 104 -19.15 -8.18 -17.10
CA ARG B 104 -20.24 -9.14 -16.96
C ARG B 104 -21.20 -8.78 -15.86
N GLU B 105 -20.67 -8.51 -14.68
CA GLU B 105 -21.53 -8.26 -13.51
C GLU B 105 -22.38 -6.99 -13.64
N ASN B 106 -21.98 -6.09 -14.53
CA ASN B 106 -22.72 -4.85 -14.70
C ASN B 106 -23.57 -4.86 -15.99
N ASN B 107 -24.87 -5.12 -15.87
CA ASN B 107 -25.64 -5.26 -17.09
C ASN B 107 -26.05 -3.95 -17.74
N GLU B 108 -26.58 -3.02 -16.96
CA GLU B 108 -26.87 -1.70 -17.48
C GLU B 108 -25.70 -1.32 -18.34
N LEU B 109 -24.52 -1.31 -17.70
CA LEU B 109 -23.26 -1.00 -18.38
C LEU B 109 -23.10 -1.65 -19.77
N ILE B 110 -23.18 -2.98 -19.86
CA ILE B 110 -22.80 -3.69 -21.09
C ILE B 110 -23.81 -3.63 -22.22
N SER B 111 -25.05 -3.25 -21.89
CA SER B 111 -26.09 -3.14 -22.90
C SER B 111 -26.23 -1.73 -23.51
N SER B 112 -25.47 -0.78 -22.99
CA SER B 112 -25.49 0.60 -23.48
C SER B 112 -25.34 0.64 -24.98
N PRO B 113 -26.22 1.40 -25.68
CA PRO B 113 -26.29 1.46 -27.14
C PRO B 113 -25.21 2.32 -27.80
N ASN B 114 -24.65 3.25 -27.04
CA ASN B 114 -23.50 4.02 -27.51
C ASN B 114 -22.53 4.41 -26.39
N LYS B 115 -21.42 5.02 -26.77
CA LYS B 115 -20.37 5.35 -25.81
C LYS B 115 -20.72 6.50 -24.87
N GLU B 116 -21.73 7.28 -25.23
CA GLU B 116 -22.26 8.32 -24.34
C GLU B 116 -23.01 7.66 -23.22
N VAL B 117 -23.94 6.77 -23.55
CA VAL B 117 -24.72 6.06 -22.54
C VAL B 117 -23.77 5.18 -21.73
N LEU B 118 -22.69 4.74 -22.38
CA LEU B 118 -21.68 3.92 -21.71
C LEU B 118 -21.05 4.64 -20.54
N GLU B 119 -20.47 5.83 -20.80
CA GLU B 119 -19.85 6.62 -19.73
C GLU B 119 -20.91 7.15 -18.77
N GLN B 120 -22.13 7.33 -19.26
CA GLN B 120 -23.22 7.86 -18.47
C GLN B 120 -23.55 6.90 -17.33
N ARG B 121 -23.49 5.60 -17.61
CA ARG B 121 -23.89 4.57 -16.66
C ARG B 121 -22.70 4.03 -15.89
N TYR B 122 -21.49 4.26 -16.42
CA TYR B 122 -20.27 3.88 -15.72
C TYR B 122 -20.17 4.77 -14.50
N VAL B 123 -20.20 6.06 -14.73
CA VAL B 123 -20.15 7.01 -13.65
C VAL B 123 -21.26 6.72 -12.64
N GLN B 124 -22.43 6.42 -13.18
CA GLN B 124 -23.65 6.32 -12.38
C GLN B 124 -23.77 5.00 -11.60
N ASN B 125 -23.30 3.92 -12.20
CA ASN B 125 -23.46 2.57 -11.61
C ASN B 125 -22.21 1.97 -10.96
N VAL B 126 -21.04 2.50 -11.28
CA VAL B 126 -19.80 1.95 -10.74
C VAL B 126 -19.04 2.97 -9.93
N ILE B 127 -18.90 4.17 -10.47
CA ILE B 127 -18.15 5.23 -9.78
C ILE B 127 -18.91 5.87 -8.61
N ILE B 128 -20.13 6.34 -8.83
CA ILE B 128 -20.91 6.97 -7.76
C ILE B 128 -21.11 6.09 -6.51
N PRO B 129 -21.41 4.80 -6.70
CA PRO B 129 -21.40 3.83 -5.60
C PRO B 129 -20.09 3.81 -4.80
N LEU B 130 -19.14 4.66 -5.17
CA LEU B 130 -17.81 4.65 -4.56
C LEU B 130 -17.34 6.04 -4.10
N LEU B 131 -17.90 7.09 -4.68
CA LEU B 131 -17.43 8.45 -4.38
C LEU B 131 -18.49 9.33 -3.75
N GLY B 132 -19.70 8.79 -3.60
CA GLY B 132 -20.85 9.59 -3.22
C GLY B 132 -21.29 10.41 -4.42
N PRO B 133 -22.56 10.80 -4.44
CA PRO B 133 -23.20 11.50 -5.56
C PRO B 133 -23.23 13.03 -5.45
N LYS B 134 -22.63 13.58 -4.39
CA LYS B 134 -22.68 15.04 -4.15
C LYS B 134 -21.69 15.83 -5.00
N HIS B 135 -20.56 15.20 -5.32
CA HIS B 135 -19.53 15.85 -6.12
C HIS B 135 -19.40 15.23 -7.51
N VAL B 136 -20.32 14.33 -7.86
CA VAL B 136 -20.25 13.66 -9.15
C VAL B 136 -21.52 13.86 -9.98
N ASP B 137 -21.34 14.19 -11.26
CA ASP B 137 -22.40 14.48 -12.22
C ASP B 137 -22.27 13.62 -13.52
N ALA B 138 -23.15 12.63 -13.69
CA ALA B 138 -23.11 11.75 -14.86
C ALA B 138 -23.53 12.49 -16.14
N GLY B 139 -24.45 13.44 -16.00
CA GLY B 139 -24.78 14.35 -17.07
C GLY B 139 -25.83 13.79 -18.01
N VAL B 140 -26.53 14.68 -18.69
CA VAL B 140 -27.64 14.28 -19.56
C VAL B 140 -27.25 14.20 -21.03
N ARG B 141 -27.82 13.20 -21.72
CA ARG B 141 -27.60 13.02 -23.16
C ARG B 141 -28.45 13.94 -24.00
N VAL B 142 -27.87 14.38 -25.12
CA VAL B 142 -28.51 15.26 -26.05
C VAL B 142 -28.22 14.70 -27.43
N SER B 143 -29.18 14.81 -28.33
CA SER B 143 -28.98 14.33 -29.69
C SER B 143 -28.22 15.39 -30.49
N VAL B 144 -27.37 14.94 -31.40
CA VAL B 144 -26.65 15.86 -32.26
C VAL B 144 -26.63 15.31 -33.67
N SER B 145 -26.56 16.20 -34.66
CA SER B 145 -26.57 15.82 -36.07
C SER B 145 -25.15 15.83 -36.63
N LYS B 146 -24.90 14.94 -37.60
CA LYS B 146 -23.57 14.78 -38.16
C LYS B 146 -23.00 16.14 -38.59
N GLU B 147 -23.88 17.01 -39.10
CA GLU B 147 -23.47 18.34 -39.58
C GLU B 147 -23.16 19.29 -38.43
N PHE B 148 -23.86 19.08 -37.30
CA PHE B 148 -23.59 19.83 -36.09
C PHE B 148 -22.17 19.51 -35.67
N LEU B 149 -21.91 18.22 -35.50
CA LEU B 149 -20.59 17.72 -35.09
C LEU B 149 -19.45 18.22 -36.00
N GLU B 150 -19.63 18.10 -37.31
CA GLU B 150 -18.64 18.62 -38.25
C GLU B 150 -18.41 20.14 -38.10
N CYS B 151 -19.49 20.93 -38.17
CA CYS B 151 -19.38 22.37 -38.00
C CYS B 151 -18.64 22.69 -36.69
N VAL B 152 -19.13 22.15 -35.58
CA VAL B 152 -18.44 22.27 -34.31
C VAL B 152 -16.94 22.00 -34.45
N ASP B 153 -16.58 20.97 -35.22
CA ASP B 153 -15.17 20.58 -35.34
C ASP B 153 -14.36 21.57 -36.20
N LYS B 154 -14.94 21.98 -37.33
CA LYS B 154 -14.35 23.02 -38.18
C LYS B 154 -14.27 24.36 -37.43
N LYS B 155 -15.29 24.64 -36.63
CA LYS B 155 -15.44 25.89 -35.90
C LYS B 155 -14.38 26.15 -34.82
N VAL B 156 -13.90 25.09 -34.18
CA VAL B 156 -12.99 25.26 -33.02
C VAL B 156 -11.52 24.93 -33.35
N THR B 157 -11.31 24.26 -34.47
CA THR B 157 -9.99 23.83 -34.91
C THR B 157 -8.83 24.80 -34.66
N LYS B 158 -9.02 26.08 -34.99
CA LYS B 158 -7.91 27.01 -34.92
C LYS B 158 -7.52 27.40 -33.49
N GLN B 159 -8.41 27.11 -32.54
CA GLN B 159 -8.19 27.38 -31.12
C GLN B 159 -7.67 26.17 -30.34
N ARG B 160 -7.32 25.12 -31.09
CA ARG B 160 -6.80 23.87 -30.56
C ARG B 160 -5.27 23.77 -30.70
N PRO B 161 -4.63 22.99 -29.80
CA PRO B 161 -3.20 22.73 -29.96
C PRO B 161 -3.00 21.94 -31.26
N LEU B 162 -1.91 22.21 -31.98
CA LEU B 162 -1.69 21.51 -33.24
C LEU B 162 -1.57 20.00 -33.02
N TRP B 163 -0.87 19.59 -31.96
CA TRP B 163 -0.57 18.17 -31.71
C TRP B 163 -1.83 17.38 -31.38
N ARG B 164 -2.82 18.10 -30.86
CA ARG B 164 -4.12 17.51 -30.50
C ARG B 164 -5.05 17.40 -31.71
N VAL B 165 -4.73 18.13 -32.77
CA VAL B 165 -5.45 18.07 -34.06
C VAL B 165 -4.87 16.97 -34.96
N ASN B 166 -3.54 16.86 -34.97
CA ASN B 166 -2.83 15.73 -35.60
C ASN B 166 -3.37 14.39 -35.11
N ALA B 167 -3.53 14.29 -33.79
CA ALA B 167 -3.87 13.03 -33.13
C ALA B 167 -5.32 12.60 -33.31
N ALA B 168 -6.26 13.53 -33.08
CA ALA B 168 -7.69 13.25 -33.21
C ALA B 168 -8.53 14.48 -33.56
N ASN B 169 -9.83 14.25 -33.69
CA ASN B 169 -10.82 15.28 -33.92
C ASN B 169 -12.14 14.64 -33.50
N VAL B 170 -13.26 15.34 -33.65
CA VAL B 170 -14.52 14.79 -33.16
C VAL B 170 -14.94 13.53 -33.94
N ASP B 171 -15.67 12.63 -33.28
CA ASP B 171 -16.32 11.51 -33.97
C ASP B 171 -17.73 11.92 -34.47
N THR B 172 -17.82 12.18 -35.78
CA THR B 172 -19.06 12.65 -36.38
C THR B 172 -20.05 11.50 -36.53
N SER B 173 -19.56 10.28 -36.36
CA SER B 173 -20.42 9.12 -36.46
C SER B 173 -21.14 8.82 -35.14
N HIS B 174 -21.20 9.80 -34.25
CA HIS B 174 -21.98 9.67 -33.02
C HIS B 174 -23.27 10.46 -33.14
N ASP B 175 -24.36 9.92 -32.60
CA ASP B 175 -25.65 10.61 -32.68
C ASP B 175 -26.12 11.14 -31.33
N SER B 176 -25.17 11.20 -30.38
CA SER B 176 -25.46 11.62 -29.02
C SER B 176 -24.31 12.46 -28.43
N ALA B 177 -24.65 13.41 -27.56
CA ALA B 177 -23.64 14.20 -26.86
C ALA B 177 -24.04 14.45 -25.40
N LEU B 178 -23.04 14.69 -24.55
CA LEU B 178 -23.23 14.77 -23.11
C LEU B 178 -23.26 16.20 -22.61
N ILE B 179 -24.14 16.48 -21.66
CA ILE B 179 -24.30 17.83 -21.16
C ILE B 179 -24.14 17.89 -19.64
N LEU B 180 -23.03 18.50 -19.21
CA LEU B 180 -22.73 18.66 -17.80
C LEU B 180 -22.91 20.13 -17.40
N ASN B 181 -23.00 20.39 -16.10
CA ASN B 181 -23.01 21.76 -15.63
C ASN B 181 -21.64 22.42 -15.73
N ASP B 182 -21.63 23.66 -16.20
CA ASP B 182 -20.42 24.46 -16.28
C ASP B 182 -19.91 24.76 -14.85
N HIS B 183 -18.88 24.04 -14.40
CA HIS B 183 -18.37 24.24 -13.05
C HIS B 183 -17.52 25.49 -12.88
N SER B 184 -17.35 26.25 -13.95
CA SER B 184 -16.71 27.55 -13.81
C SER B 184 -17.78 28.63 -13.58
N LEU B 185 -19.02 28.17 -13.37
CA LEU B 185 -20.17 29.02 -13.06
C LEU B 185 -20.76 28.62 -11.69
N PHE B 186 -21.26 29.59 -10.94
CA PHE B 186 -21.76 29.33 -9.58
C PHE B 186 -23.27 29.58 -9.46
N ASP B 195 -19.51 37.15 -9.51
CA ASP B 195 -18.21 36.88 -10.13
C ASP B 195 -17.57 35.57 -9.65
N CYS B 196 -17.21 34.71 -10.61
CA CYS B 196 -16.81 33.35 -10.30
C CYS B 196 -15.37 33.02 -10.70
N ILE B 197 -14.55 32.64 -9.72
CA ILE B 197 -13.22 32.08 -9.99
C ILE B 197 -13.20 30.58 -9.74
N SER B 198 -13.01 29.83 -10.82
CA SER B 198 -12.93 28.37 -10.76
C SER B 198 -11.49 27.85 -10.96
N VAL B 199 -11.24 26.68 -10.40
CA VAL B 199 -9.89 26.10 -10.43
C VAL B 199 -9.93 24.62 -10.83
N GLU B 200 -9.12 24.22 -11.82
CA GLU B 200 -9.11 22.80 -12.19
C GLU B 200 -7.83 22.15 -11.69
N ILE B 201 -7.94 20.94 -11.19
CA ILE B 201 -6.76 20.24 -10.70
C ILE B 201 -6.72 18.83 -11.23
N LYS B 202 -5.58 18.42 -11.77
CA LYS B 202 -5.39 17.05 -12.21
C LYS B 202 -4.31 16.44 -11.34
N PRO B 203 -4.73 15.83 -10.21
CA PRO B 203 -3.92 15.28 -9.12
C PRO B 203 -3.01 14.11 -9.49
N LYS B 204 -3.55 13.16 -10.26
CA LYS B 204 -2.83 11.92 -10.57
C LYS B 204 -2.70 11.01 -9.35
N CYS B 205 -1.73 10.11 -9.39
CA CYS B 205 -1.59 9.13 -8.33
C CYS B 205 -0.91 9.70 -7.10
N GLY B 206 -1.61 9.57 -5.98
CA GLY B 206 -1.12 10.10 -4.73
C GLY B 206 -0.66 9.05 -3.74
N PHE B 207 -0.14 7.93 -4.25
CA PHE B 207 0.45 6.90 -3.39
C PHE B 207 1.57 6.14 -4.07
N LEU B 208 2.30 5.34 -3.29
CA LEU B 208 3.43 4.57 -3.80
C LEU B 208 3.04 3.10 -3.79
N PRO B 209 3.45 2.37 -4.83
CA PRO B 209 3.11 0.94 -4.87
C PRO B 209 3.94 0.15 -3.86
N THR B 210 3.41 -1.00 -3.45
CA THR B 210 4.00 -1.74 -2.36
C THR B 210 4.06 -3.22 -2.73
N SER B 211 3.58 -3.50 -3.94
CA SER B 211 3.43 -4.86 -4.49
C SER B 211 4.63 -5.85 -4.47
N ARG B 212 4.35 -7.10 -4.09
CA ARG B 212 5.35 -8.16 -4.08
C ARG B 212 5.75 -8.53 -5.48
N PHE B 213 5.02 -8.02 -6.45
CA PHE B 213 5.15 -8.43 -7.83
C PHE B 213 6.04 -7.46 -8.61
N ILE B 214 6.47 -6.40 -7.92
CA ILE B 214 7.46 -5.48 -8.48
C ILE B 214 8.87 -6.04 -8.28
N GLY B 215 9.51 -6.39 -9.39
CA GLY B 215 10.85 -6.96 -9.36
C GLY B 215 11.89 -6.13 -8.64
N LYS B 216 12.98 -6.79 -8.25
CA LYS B 216 14.13 -6.17 -7.60
C LYS B 216 14.76 -5.07 -8.44
N GLU B 217 14.72 -5.24 -9.76
CA GLU B 217 15.28 -4.26 -10.68
C GLU B 217 14.56 -2.94 -10.58
N ASN B 218 13.33 -2.97 -10.08
CA ASN B 218 12.52 -1.76 -9.93
C ASN B 218 12.17 -1.48 -8.48
N ILE B 219 13.18 -1.44 -7.62
CA ILE B 219 12.98 -1.18 -6.21
C ILE B 219 12.71 0.30 -5.95
N LEU B 220 12.76 1.09 -7.01
CA LEU B 220 12.52 2.53 -6.91
C LEU B 220 11.03 2.85 -6.96
N LYS B 221 10.31 2.16 -7.82
CA LYS B 221 8.87 2.36 -7.97
C LYS B 221 8.19 2.45 -6.61
N THR B 222 8.85 1.79 -5.66
CA THR B 222 8.48 1.76 -4.25
C THR B 222 8.80 3.07 -3.53
N SER B 223 9.84 3.76 -3.98
CA SER B 223 10.34 4.94 -3.26
C SER B 223 9.82 6.23 -3.85
N VAL B 224 9.68 6.24 -5.18
CA VAL B 224 9.49 7.47 -5.93
C VAL B 224 8.13 7.55 -6.62
N SER B 225 7.51 8.74 -6.57
CA SER B 225 6.19 8.90 -7.15
C SER B 225 6.27 8.50 -8.64
N ARG B 226 5.15 8.03 -9.21
CA ARG B 226 5.06 7.76 -10.66
C ARG B 226 5.03 9.05 -11.46
N PHE B 227 4.33 10.04 -10.92
CA PHE B 227 4.32 11.36 -11.49
C PHE B 227 5.77 11.79 -11.67
N LYS B 228 6.54 11.73 -10.59
CA LYS B 228 7.88 12.28 -10.57
C LYS B 228 8.82 11.56 -11.55
N MET B 229 8.59 10.26 -11.73
CA MET B 229 9.41 9.47 -12.65
C MET B 229 8.99 9.79 -14.06
N HIS B 230 7.72 10.12 -14.21
CA HIS B 230 7.18 10.27 -15.54
C HIS B 230 7.61 11.58 -16.13
N GLN B 231 7.83 12.58 -15.27
CA GLN B 231 8.34 13.87 -15.73
C GLN B 231 9.60 13.65 -16.54
N LEU B 232 10.55 12.91 -16.00
CA LEU B 232 11.80 12.67 -16.71
C LEU B 232 11.55 12.16 -18.12
N LEU B 233 10.67 11.18 -18.24
CA LEU B 233 10.36 10.64 -19.56
C LEU B 233 9.71 11.69 -20.44
N LYS B 234 8.74 12.42 -19.90
CA LYS B 234 8.07 13.49 -20.65
C LYS B 234 9.09 14.46 -21.21
N LEU B 235 9.84 15.09 -20.33
CA LEU B 235 10.98 15.91 -20.71
C LEU B 235 11.78 15.30 -21.86
N GLU B 236 12.07 14.01 -21.79
CA GLU B 236 12.95 13.39 -22.77
C GLU B 236 12.29 13.36 -24.12
N TYR B 237 10.99 13.12 -24.14
CA TYR B 237 10.26 13.08 -25.38
C TYR B 237 9.77 14.46 -25.73
N ILE B 238 10.22 15.46 -24.97
CA ILE B 238 9.96 16.87 -25.28
C ILE B 238 8.47 17.26 -25.20
N GLU B 239 7.75 16.58 -24.31
CA GLU B 239 6.33 16.80 -24.14
C GLU B 239 6.10 17.90 -23.11
N ILE B 240 7.14 18.16 -22.30
CA ILE B 240 7.20 19.29 -21.39
C ILE B 240 8.58 19.90 -21.51
N SER B 241 8.72 21.14 -21.04
CA SER B 241 9.96 21.89 -21.25
C SER B 241 10.82 21.89 -20.01
N GLU B 242 10.20 21.51 -18.89
CA GLU B 242 10.77 21.74 -17.59
C GLU B 242 10.07 20.78 -16.67
N GLU B 243 10.83 20.11 -15.83
CA GLU B 243 10.27 19.26 -14.79
C GLU B 243 9.30 20.03 -13.87
N SER B 244 8.21 19.37 -13.47
CA SER B 244 7.18 19.95 -12.61
C SER B 244 7.63 19.92 -11.15
N GLU B 245 7.27 20.95 -10.40
CA GLU B 245 7.59 21.02 -8.97
C GLU B 245 6.55 20.25 -8.15
N TYR B 246 5.36 20.11 -8.73
CA TYR B 246 4.24 19.43 -8.08
C TYR B 246 4.56 18.01 -7.60
N ASP B 247 4.14 17.69 -6.38
CA ASP B 247 4.25 16.33 -5.84
C ASP B 247 2.91 15.78 -5.32
N PRO B 248 2.33 14.80 -6.03
CA PRO B 248 0.98 14.36 -5.65
C PRO B 248 0.93 13.82 -4.23
N LEU B 249 2.08 13.32 -3.74
CA LEU B 249 2.15 12.81 -2.38
C LEU B 249 1.79 13.87 -1.32
N ASP B 250 2.28 15.10 -1.53
CA ASP B 250 1.95 16.28 -0.70
C ASP B 250 0.46 16.56 -0.76
N LEU B 251 -0.08 16.59 -1.97
CA LEU B 251 -1.47 16.95 -2.14
C LEU B 251 -2.31 15.93 -1.44
N PHE B 252 -1.88 14.68 -1.54
CA PHE B 252 -2.62 13.56 -0.93
C PHE B 252 -2.14 13.19 0.46
N SER B 253 -1.16 13.95 0.97
CA SER B 253 -0.68 13.76 2.33
C SER B 253 -1.77 13.95 3.41
N GLY B 254 -2.84 14.65 3.07
CA GLY B 254 -3.87 14.85 4.06
C GLY B 254 -3.37 15.80 5.15
N SER B 255 -2.10 16.18 5.05
CA SER B 255 -1.53 17.23 5.89
C SER B 255 -1.79 18.63 5.29
N LYS B 256 -2.30 19.55 6.12
CA LYS B 256 -2.65 20.90 5.69
C LYS B 256 -1.51 21.69 5.06
N GLU B 257 -0.34 21.69 5.71
CA GLU B 257 0.82 22.44 5.24
C GLU B 257 1.32 21.94 3.91
N ARG B 258 1.18 20.63 3.69
CA ARG B 258 1.73 19.96 2.52
C ARG B 258 0.81 20.12 1.29
N VAL B 259 -0.50 20.20 1.53
CA VAL B 259 -1.45 20.56 0.49
C VAL B 259 -1.16 21.92 -0.10
N LEU B 260 -1.02 22.92 0.76
CA LEU B 260 -0.65 24.26 0.32
C LEU B 260 0.69 24.25 -0.43
N GLU B 261 1.61 23.41 0.01
CA GLU B 261 2.87 23.30 -0.67
C GLU B 261 2.57 22.89 -2.09
N ALA B 262 1.76 21.85 -2.25
CA ALA B 262 1.37 21.32 -3.57
C ALA B 262 0.75 22.39 -4.44
N ILE B 263 -0.10 23.21 -3.83
CA ILE B 263 -0.81 24.26 -4.55
C ILE B 263 0.14 25.32 -5.10
N LYS B 264 1.09 25.77 -4.29
CA LYS B 264 2.18 26.59 -4.78
C LYS B 264 2.92 25.90 -5.94
N ALA B 265 3.35 24.66 -5.73
CA ALA B 265 4.04 23.92 -6.78
C ALA B 265 3.18 23.90 -8.03
N LEU B 266 1.85 23.81 -7.87
CA LEU B 266 0.97 23.79 -9.04
C LEU B 266 0.96 25.13 -9.80
N TYR B 267 0.63 26.21 -9.11
CA TYR B 267 0.80 27.57 -9.63
C TYR B 267 2.09 27.74 -10.44
N SER B 268 3.23 27.35 -9.87
CA SER B 268 4.53 27.55 -10.51
C SER B 268 4.67 26.86 -11.87
N THR B 269 4.74 25.55 -11.84
CA THR B 269 4.75 24.74 -13.04
C THR B 269 3.40 24.05 -13.07
N PRO B 270 2.46 24.58 -13.85
CA PRO B 270 1.07 24.12 -13.91
C PRO B 270 0.82 22.97 -14.89
N GLN B 271 1.70 22.82 -15.87
CA GLN B 271 1.52 21.86 -16.96
C GLN B 271 0.04 21.58 -17.25
N ASN B 272 -0.35 20.30 -17.25
CA ASN B 272 -1.75 19.98 -17.55
C ASN B 272 -2.55 19.66 -16.29
N ASN B 273 -1.95 20.05 -15.15
CA ASN B 273 -2.46 19.76 -13.81
C ASN B 273 -3.23 20.90 -13.12
N PHE B 274 -3.05 22.12 -13.60
CA PHE B 274 -3.61 23.28 -12.92
C PHE B 274 -4.15 24.30 -13.93
N ARG B 275 -5.39 24.72 -13.73
CA ARG B 275 -6.01 25.72 -14.59
C ARG B 275 -6.86 26.61 -13.72
N VAL B 276 -6.91 27.88 -14.07
CA VAL B 276 -7.75 28.83 -13.37
C VAL B 276 -8.67 29.55 -14.35
N PHE B 277 -9.92 29.73 -13.95
CA PHE B 277 -10.92 30.35 -14.81
C PHE B 277 -11.59 31.52 -14.12
N LEU B 278 -11.69 32.63 -14.84
CA LEU B 278 -12.52 33.77 -14.42
C LEU B 278 -13.75 33.84 -15.32
N ASN B 279 -14.92 33.60 -14.75
CA ASN B 279 -16.16 33.47 -15.52
C ASN B 279 -16.02 32.59 -16.78
N GLY B 280 -15.27 31.49 -16.66
CA GLY B 280 -15.07 30.60 -17.79
C GLY B 280 -13.99 30.99 -18.79
N SER B 281 -13.26 32.07 -18.53
CA SER B 281 -12.08 32.45 -19.31
C SER B 281 -10.82 31.87 -18.67
N LEU B 282 -9.97 31.25 -19.46
CA LEU B 282 -8.75 30.69 -18.90
C LEU B 282 -7.79 31.82 -18.51
N ILE B 283 -7.36 31.83 -17.25
CA ILE B 283 -6.45 32.88 -16.78
C ILE B 283 -5.10 32.36 -16.29
N LEU B 284 -5.01 31.06 -16.05
CA LEU B 284 -3.73 30.41 -15.78
C LEU B 284 -3.75 28.96 -16.24
N GLY B 285 -2.74 28.54 -16.99
CA GLY B 285 -2.66 27.18 -17.49
C GLY B 285 -2.95 26.98 -18.98
N GLY B 286 -2.60 25.80 -19.50
CA GLY B 286 -2.72 25.52 -20.93
C GLY B 286 -4.16 25.55 -21.40
N SER B 287 -4.37 25.61 -22.71
CA SER B 287 -5.70 25.44 -23.28
C SER B 287 -5.76 24.14 -24.12
N GLY B 288 -6.23 23.06 -23.51
CA GLY B 288 -6.27 21.78 -24.17
C GLY B 288 -4.89 21.13 -24.22
N GLU B 289 -4.01 21.55 -23.32
CA GLU B 289 -2.64 21.05 -23.28
C GLU B 289 -1.88 21.45 -22.00
N SER B 290 -0.60 21.10 -21.96
CA SER B 290 0.35 21.51 -20.91
C SER B 290 0.85 22.93 -21.19
N THR B 291 1.29 23.64 -20.15
CA THR B 291 1.85 24.96 -20.35
C THR B 291 3.17 25.11 -19.59
N GLY B 292 4.06 25.96 -20.11
CA GLY B 292 5.35 26.18 -19.47
C GLY B 292 5.23 26.80 -18.09
N ARG B 293 6.36 26.92 -17.40
CA ARG B 293 6.35 27.54 -16.07
C ARG B 293 5.65 28.88 -16.06
N THR B 294 5.22 29.31 -14.88
CA THR B 294 4.69 30.64 -14.70
C THR B 294 5.85 31.63 -14.54
N SER B 295 5.96 32.53 -15.52
CA SER B 295 6.99 33.57 -15.54
C SER B 295 6.48 34.82 -14.84
N PRO B 296 7.37 35.80 -14.63
CA PRO B 296 6.91 37.04 -13.99
C PRO B 296 5.83 37.73 -14.83
N GLU B 297 5.91 37.63 -16.15
CA GLU B 297 4.82 38.10 -17.02
C GLU B 297 3.49 37.40 -16.72
N ILE B 298 3.53 36.07 -16.69
CA ILE B 298 2.34 35.30 -16.34
C ILE B 298 1.87 35.73 -14.95
N GLY B 299 2.79 35.75 -13.99
CA GLY B 299 2.47 36.12 -12.64
C GLY B 299 1.74 37.45 -12.58
N TYR B 300 2.26 38.45 -13.30
CA TYR B 300 1.75 39.81 -13.25
C TYR B 300 0.31 39.92 -13.71
N ALA B 301 0.01 39.31 -14.86
CA ALA B 301 -1.33 39.44 -15.42
C ALA B 301 -2.38 38.55 -14.70
N PHE B 302 -1.90 37.48 -14.06
CA PHE B 302 -2.78 36.65 -13.22
C PHE B 302 -3.11 37.46 -11.98
N GLU B 303 -2.08 38.02 -11.34
CA GLU B 303 -2.25 38.91 -10.20
C GLU B 303 -3.29 39.98 -10.51
N ASP B 304 -3.06 40.75 -11.57
CA ASP B 304 -4.05 41.72 -12.04
C ASP B 304 -5.44 41.12 -12.26
N ALA B 305 -5.51 39.92 -12.82
CA ALA B 305 -6.80 39.25 -13.07
C ALA B 305 -7.60 38.98 -11.77
N LEU B 306 -6.88 38.93 -10.66
CA LEU B 306 -7.44 38.61 -9.35
C LEU B 306 -8.07 39.81 -8.69
N LYS B 307 -7.66 41.01 -9.11
CA LYS B 307 -8.20 42.25 -8.57
C LYS B 307 -9.72 42.14 -8.43
N GLY B 308 -10.28 42.77 -7.40
CA GLY B 308 -11.72 42.80 -7.24
C GLY B 308 -12.23 41.54 -6.57
N PHE B 309 -12.10 40.40 -7.23
CA PHE B 309 -12.46 39.11 -6.64
C PHE B 309 -11.91 38.97 -5.22
N ILE B 310 -10.58 38.98 -5.09
CA ILE B 310 -9.96 39.02 -3.77
C ILE B 310 -9.40 40.42 -3.47
N GLN B 311 -9.75 40.93 -2.29
CA GLN B 311 -9.32 42.24 -1.86
C GLN B 311 -8.00 42.10 -1.11
N SER B 312 -6.95 42.73 -1.60
CA SER B 312 -5.61 42.52 -1.04
C SER B 312 -4.54 43.16 -1.95
N ARG B 317 -2.13 39.07 -3.14
CA ARG B 317 -3.33 38.56 -3.82
C ARG B 317 -3.12 37.16 -4.40
N THR B 318 -2.04 36.97 -5.13
CA THR B 318 -1.71 35.63 -5.63
C THR B 318 -1.56 34.67 -4.43
N GLU B 319 -0.70 35.00 -3.48
CA GLU B 319 -0.50 34.14 -2.31
C GLU B 319 -1.82 33.92 -1.57
N CYS B 320 -2.62 34.97 -1.43
CA CYS B 320 -3.93 34.86 -0.79
C CYS B 320 -4.84 33.84 -1.48
N PHE B 321 -4.93 33.92 -2.81
CA PHE B 321 -5.73 32.98 -3.62
C PHE B 321 -5.32 31.50 -3.42
N LEU B 322 -4.02 31.23 -3.40
CA LEU B 322 -3.52 29.87 -3.19
C LEU B 322 -3.91 29.34 -1.80
N GLN B 323 -3.68 30.16 -0.78
CA GLN B 323 -4.14 29.82 0.55
C GLN B 323 -5.60 29.41 0.46
N LEU B 324 -6.41 30.21 -0.24
CA LEU B 324 -7.84 29.93 -0.37
C LEU B 324 -8.11 28.62 -1.12
N VAL B 325 -7.40 28.38 -2.21
CA VAL B 325 -7.53 27.12 -2.98
C VAL B 325 -7.11 25.93 -2.15
N SER B 326 -5.94 26.07 -1.52
CA SER B 326 -5.45 25.09 -0.55
C SER B 326 -6.49 24.79 0.54
N ASP B 327 -7.15 25.81 1.06
CA ASP B 327 -8.05 25.64 2.20
C ASP B 327 -9.34 24.96 1.78
N ALA B 328 -9.78 25.26 0.56
CA ALA B 328 -10.97 24.65 -0.06
C ALA B 328 -10.82 23.14 -0.18
N VAL B 329 -9.75 22.73 -0.87
CA VAL B 329 -9.35 21.33 -1.04
C VAL B 329 -9.21 20.51 0.27
N TYR B 330 -8.42 21.02 1.22
CA TYR B 330 -8.13 20.25 2.42
C TYR B 330 -9.33 20.11 3.34
N GLY B 331 -10.10 21.18 3.45
CA GLY B 331 -11.28 21.15 4.31
C GLY B 331 -12.41 20.35 3.70
N SER B 332 -12.34 20.09 2.40
CA SER B 332 -13.40 19.36 1.71
C SER B 332 -13.19 17.84 1.82
N GLY B 333 -11.98 17.44 2.19
CA GLY B 333 -11.64 16.04 2.33
C GLY B 333 -11.95 15.33 1.04
N VAL B 334 -12.01 16.09 -0.06
CA VAL B 334 -12.44 15.52 -1.34
C VAL B 334 -11.41 14.50 -1.85
N LEU B 335 -10.13 14.77 -1.62
CA LEU B 335 -9.04 13.90 -2.06
C LEU B 335 -8.82 12.65 -1.20
N ASP B 336 -9.65 12.45 -0.19
CA ASP B 336 -9.46 11.29 0.67
C ASP B 336 -10.22 10.14 0.04
N ARG B 337 -11.40 10.45 -0.46
CA ARG B 337 -12.23 9.40 -1.00
C ARG B 337 -11.61 9.01 -2.32
N LEU B 338 -11.20 10.01 -3.09
CA LEU B 338 -10.54 9.75 -4.36
C LEU B 338 -9.39 8.77 -4.17
N LEU B 339 -8.52 9.06 -3.21
CA LEU B 339 -7.31 8.28 -3.05
C LEU B 339 -7.62 6.83 -2.73
N GLU B 340 -8.73 6.58 -2.02
CA GLU B 340 -9.09 5.19 -1.70
C GLU B 340 -9.40 4.42 -2.99
N ILE B 341 -10.05 5.10 -3.92
CA ILE B 341 -10.33 4.51 -5.23
C ILE B 341 -9.04 4.27 -5.99
N GLN B 342 -8.05 5.14 -5.82
CA GLN B 342 -6.79 4.95 -6.50
C GLN B 342 -6.12 3.70 -5.92
N LYS B 343 -6.15 3.59 -4.60
CA LYS B 343 -5.52 2.47 -3.91
C LYS B 343 -6.20 1.11 -4.24
N LEU B 344 -7.13 1.19 -5.21
CA LEU B 344 -7.80 0.03 -5.80
C LEU B 344 -6.86 -0.68 -6.77
N ASP B 345 -5.80 0.02 -7.20
CA ASP B 345 -4.67 -0.63 -7.85
C ASP B 345 -3.80 -1.29 -6.75
N LYS B 346 -4.20 -2.47 -6.31
CA LYS B 346 -3.61 -3.11 -5.14
C LYS B 346 -2.31 -3.86 -5.43
N LEU B 347 -2.07 -4.23 -6.69
CA LEU B 347 -0.92 -5.07 -6.99
C LEU B 347 0.00 -4.36 -7.93
N ASP B 348 -0.45 -3.24 -8.50
CA ASP B 348 0.35 -2.47 -9.46
C ASP B 348 0.35 -3.17 -10.81
N ILE B 349 0.50 -2.43 -11.90
CA ILE B 349 0.46 -3.02 -13.23
C ILE B 349 1.31 -4.27 -13.36
N GLU B 350 2.48 -4.27 -12.70
CA GLU B 350 3.39 -5.41 -12.76
C GLU B 350 2.74 -6.69 -12.25
N GLY B 351 1.77 -6.52 -11.36
CA GLY B 351 0.94 -7.60 -10.88
C GLY B 351 -0.33 -7.78 -11.73
N ALA B 352 -1.11 -6.73 -11.90
CA ALA B 352 -2.38 -6.90 -12.58
C ALA B 352 -2.28 -7.45 -14.00
N ILE B 353 -1.11 -7.35 -14.61
CA ILE B 353 -0.97 -7.61 -16.04
C ILE B 353 -1.12 -9.09 -16.34
N HIS B 354 -0.59 -9.90 -15.42
CA HIS B 354 -0.75 -11.35 -15.44
C HIS B 354 -2.22 -11.73 -15.42
N CYS B 355 -2.98 -11.15 -14.52
CA CYS B 355 -4.42 -11.40 -14.47
C CYS B 355 -5.10 -11.03 -15.78
N TYR B 356 -4.70 -9.90 -16.35
CA TYR B 356 -5.20 -9.46 -17.64
C TYR B 356 -5.17 -10.65 -18.60
N TYR B 357 -3.99 -11.26 -18.77
CA TYR B 357 -3.76 -12.32 -19.74
C TYR B 357 -4.62 -13.59 -19.51
N ASP B 358 -4.73 -14.04 -18.25
CA ASP B 358 -5.63 -15.16 -17.96
C ASP B 358 -7.04 -14.86 -18.49
N ILE B 359 -7.56 -13.69 -18.13
CA ILE B 359 -8.89 -13.23 -18.51
C ILE B 359 -9.18 -13.24 -20.01
N ILE B 360 -8.29 -12.64 -20.81
CA ILE B 360 -8.43 -12.62 -22.27
C ILE B 360 -7.95 -13.90 -22.95
N ASN B 361 -7.69 -14.91 -22.12
CA ASN B 361 -7.34 -16.23 -22.58
C ASN B 361 -6.14 -16.25 -23.50
N GLN B 362 -5.10 -15.54 -23.09
CA GLN B 362 -3.82 -15.59 -23.75
C GLN B 362 -2.75 -16.10 -22.79
N PRO B 363 -1.84 -16.94 -23.29
CA PRO B 363 -0.72 -17.38 -22.44
C PRO B 363 0.08 -16.16 -22.04
N CYS B 364 0.61 -16.14 -20.83
CA CYS B 364 1.24 -14.94 -20.35
C CYS B 364 2.61 -14.76 -20.94
N PRO B 365 2.74 -13.77 -21.84
CA PRO B 365 4.02 -13.41 -22.44
C PRO B 365 4.97 -12.92 -21.38
N ILE B 366 4.46 -12.27 -20.33
CA ILE B 366 5.28 -11.80 -19.19
C ILE B 366 6.06 -12.89 -18.44
N CYS B 367 5.50 -14.10 -18.36
CA CYS B 367 6.17 -15.19 -17.68
C CYS B 367 7.10 -16.00 -18.60
N SER B 378 1.43 -18.25 -9.33
CA SER B 378 0.62 -17.92 -8.13
C SER B 378 -0.58 -17.01 -8.42
N LEU B 379 -0.32 -15.86 -9.04
CA LEU B 379 -1.38 -15.01 -9.53
C LEU B 379 -2.24 -15.79 -10.52
N HIS B 380 -1.56 -16.60 -11.34
CA HIS B 380 -2.21 -17.40 -12.37
C HIS B 380 -2.99 -18.60 -11.83
N ALA B 381 -2.80 -18.88 -10.54
CA ALA B 381 -3.52 -19.95 -9.88
C ALA B 381 -4.85 -19.43 -9.39
N LEU B 382 -5.10 -18.14 -9.58
CA LEU B 382 -6.29 -17.53 -9.03
C LEU B 382 -7.54 -17.93 -9.81
N PRO B 383 -8.64 -18.18 -9.06
CA PRO B 383 -10.00 -18.27 -9.58
C PRO B 383 -10.35 -17.11 -10.51
N LEU B 384 -11.08 -17.40 -11.57
CA LEU B 384 -11.47 -16.38 -12.54
C LEU B 384 -12.16 -15.17 -11.91
N ASP B 385 -13.05 -15.39 -10.94
CA ASP B 385 -13.75 -14.24 -10.35
C ASP B 385 -12.72 -13.32 -9.75
N GLU B 386 -11.72 -13.92 -9.11
CA GLU B 386 -10.61 -13.19 -8.51
C GLU B 386 -9.87 -12.39 -9.59
N SER B 387 -9.44 -13.08 -10.64
CA SER B 387 -8.73 -12.43 -11.72
C SER B 387 -9.57 -11.29 -12.28
N LEU B 388 -10.84 -11.57 -12.52
CA LEU B 388 -11.76 -10.59 -13.08
C LEU B 388 -11.92 -9.35 -12.21
N LYS B 389 -12.15 -9.54 -10.91
CA LYS B 389 -12.23 -8.42 -9.95
C LYS B 389 -10.96 -7.55 -9.93
N ILE B 390 -9.79 -8.17 -9.92
CA ILE B 390 -8.53 -7.43 -9.90
C ILE B 390 -8.28 -6.49 -11.10
N VAL B 391 -8.56 -6.96 -12.31
CA VAL B 391 -8.41 -6.13 -13.51
C VAL B 391 -9.48 -5.02 -13.50
N LYS B 392 -10.69 -5.42 -13.12
CA LYS B 392 -11.82 -4.50 -12.96
C LYS B 392 -11.44 -3.36 -12.02
N GLU B 393 -10.99 -3.69 -10.83
CA GLU B 393 -10.58 -2.66 -9.90
C GLU B 393 -9.36 -1.88 -10.45
N TYR B 394 -8.44 -2.54 -11.16
CA TYR B 394 -7.32 -1.81 -11.77
C TYR B 394 -7.79 -0.60 -12.60
N LEU B 395 -8.64 -0.91 -13.57
CA LEU B 395 -9.27 0.05 -14.45
C LEU B 395 -9.99 1.15 -13.68
N ILE B 396 -10.92 0.78 -12.80
CA ILE B 396 -11.54 1.77 -11.93
C ILE B 396 -10.47 2.68 -11.30
N ALA B 397 -9.39 2.09 -10.80
CA ALA B 397 -8.26 2.87 -10.27
C ALA B 397 -7.70 3.83 -11.31
N ALA B 398 -7.45 3.33 -12.51
CA ALA B 398 -7.06 4.18 -13.63
C ALA B 398 -7.96 5.41 -13.82
N THR B 399 -9.29 5.26 -13.69
CA THR B 399 -10.21 6.40 -13.78
C THR B 399 -9.94 7.44 -12.70
N ALA B 400 -9.84 6.96 -11.46
CA ALA B 400 -9.57 7.84 -10.32
C ALA B 400 -8.23 8.56 -10.44
N LYS B 401 -7.29 7.90 -11.12
CA LYS B 401 -5.91 8.34 -11.30
C LYS B 401 -5.69 9.38 -12.40
N ASP B 402 -6.75 9.67 -13.15
CA ASP B 402 -6.66 10.56 -14.29
C ASP B 402 -7.88 11.49 -14.33
N CYS B 403 -8.74 11.39 -13.32
CA CYS B 403 -9.85 12.29 -13.25
C CYS B 403 -9.29 13.64 -12.78
N SER B 404 -10.10 14.69 -12.89
CA SER B 404 -9.73 16.02 -12.44
C SER B 404 -10.77 16.48 -11.46
N ILE B 405 -10.44 17.54 -10.72
CA ILE B 405 -11.31 18.18 -9.75
C ILE B 405 -11.48 19.68 -10.07
N MET B 406 -12.73 20.14 -10.10
CA MET B 406 -13.00 21.56 -10.24
C MET B 406 -13.63 22.15 -8.96
N ILE B 407 -13.00 23.20 -8.44
CA ILE B 407 -13.53 23.98 -7.32
C ILE B 407 -13.95 25.38 -7.76
N SER B 408 -15.15 25.80 -7.36
CA SER B 408 -15.68 27.12 -7.68
C SER B 408 -15.77 28.01 -6.44
N PHE B 409 -15.56 29.32 -6.63
CA PHE B 409 -15.55 30.29 -5.52
C PHE B 409 -16.35 31.51 -5.84
N GLN B 410 -17.08 32.01 -4.84
CA GLN B 410 -17.80 33.28 -4.93
C GLN B 410 -18.14 33.80 -3.52
N SER B 411 -18.08 35.12 -3.33
CA SER B 411 -18.26 35.75 -2.02
C SER B 411 -19.67 35.56 -1.41
N ASP B 422 -20.11 24.96 3.94
CA ASP B 422 -19.10 24.94 2.89
C ASP B 422 -18.66 26.35 2.47
N TYR B 423 -17.47 26.75 2.92
CA TYR B 423 -16.98 28.11 2.70
C TYR B 423 -15.55 28.24 3.23
N VAL B 424 -14.89 29.35 2.92
CA VAL B 424 -13.51 29.54 3.37
C VAL B 424 -13.28 31.01 3.72
N SER B 425 -12.21 31.25 4.50
CA SER B 425 -11.81 32.61 4.93
C SER B 425 -10.30 32.84 4.76
N PRO B 428 -8.14 37.44 6.93
CA PRO B 428 -6.84 38.00 6.54
C PRO B 428 -7.02 39.13 5.53
N THR B 429 -8.19 39.14 4.89
CA THR B 429 -8.67 40.26 4.10
C THR B 429 -10.09 40.44 4.58
N ASN B 430 -10.46 39.58 5.54
CA ASN B 430 -11.79 39.60 6.15
C ASN B 430 -12.88 39.15 5.19
N GLN B 431 -12.53 38.27 4.26
CA GLN B 431 -13.46 37.78 3.27
C GLN B 431 -13.86 36.31 3.50
N THR B 432 -15.10 35.99 3.15
CA THR B 432 -15.56 34.60 3.12
C THR B 432 -15.99 34.21 1.71
N PHE B 433 -15.67 32.98 1.33
CA PHE B 433 -16.08 32.46 0.04
C PHE B 433 -16.84 31.17 0.21
N ASP B 434 -17.89 31.02 -0.58
CA ASP B 434 -18.56 29.75 -0.73
C ASP B 434 -17.80 28.92 -1.77
N TYR B 435 -17.90 27.60 -1.68
CA TYR B 435 -17.23 26.78 -2.68
C TYR B 435 -17.98 25.50 -3.08
N LYS B 436 -17.77 25.08 -4.33
CA LYS B 436 -18.30 23.83 -4.84
C LYS B 436 -17.14 23.02 -5.39
N VAL B 437 -17.09 21.74 -5.03
CA VAL B 437 -16.07 20.84 -5.52
C VAL B 437 -16.74 19.80 -6.40
N HIS B 438 -16.17 19.50 -7.55
CA HIS B 438 -16.73 18.45 -8.40
C HIS B 438 -15.66 17.53 -8.99
N PHE B 439 -16.06 16.30 -9.34
CA PHE B 439 -15.18 15.39 -10.07
C PHE B 439 -15.53 15.41 -11.58
N ILE B 440 -14.55 15.67 -12.43
CA ILE B 440 -14.78 15.66 -13.87
C ILE B 440 -13.87 14.64 -14.51
N ASP B 441 -14.23 14.23 -15.72
CA ASP B 441 -13.45 13.27 -16.49
C ASP B 441 -13.35 11.93 -15.78
N LEU B 442 -14.48 11.38 -15.37
CA LEU B 442 -14.46 10.03 -14.81
C LEU B 442 -14.72 9.03 -15.93
N SER B 443 -13.75 8.95 -16.85
CA SER B 443 -13.82 8.17 -18.08
C SER B 443 -13.56 6.68 -17.84
N LEU B 444 -14.29 5.82 -18.54
CA LEU B 444 -14.03 4.39 -18.46
C LEU B 444 -12.80 4.08 -19.31
N LYS B 445 -11.82 3.39 -18.71
CA LYS B 445 -10.57 3.04 -19.41
C LYS B 445 -10.76 1.72 -20.16
N PRO B 446 -10.40 1.69 -21.44
CA PRO B 446 -10.55 0.46 -22.24
C PRO B 446 -9.61 -0.66 -21.80
N LEU B 447 -10.18 -1.86 -21.71
CA LEU B 447 -9.49 -3.07 -21.25
C LEU B 447 -8.21 -3.35 -22.02
N LYS B 448 -8.23 -3.05 -23.32
CA LYS B 448 -7.08 -3.22 -24.20
C LYS B 448 -5.84 -2.51 -23.62
N ARG B 449 -6.07 -1.36 -23.00
CA ARG B 449 -4.98 -0.51 -22.51
C ARG B 449 -4.11 -1.18 -21.44
N MET B 450 -4.55 -2.30 -20.91
CA MET B 450 -3.75 -3.03 -19.92
C MET B 450 -2.39 -3.30 -20.52
N GLU B 451 -2.35 -3.63 -21.82
CA GLU B 451 -1.07 -3.89 -22.48
C GLU B 451 -0.22 -2.64 -22.54
N SER B 452 -0.79 -1.56 -23.05
CA SER B 452 -0.04 -0.32 -23.26
C SER B 452 0.38 0.33 -21.94
N TYR B 453 -0.45 0.16 -20.91
CA TYR B 453 -0.11 0.56 -19.55
C TYR B 453 1.19 -0.09 -19.06
N TYR B 454 1.34 -1.38 -19.33
CA TYR B 454 2.47 -2.15 -18.81
C TYR B 454 3.71 -1.81 -19.58
N LYS B 455 3.53 -1.57 -20.87
CA LYS B 455 4.64 -1.19 -21.75
C LYS B 455 5.19 0.21 -21.39
N LEU B 456 4.28 1.13 -21.10
CA LEU B 456 4.62 2.45 -20.59
C LEU B 456 5.30 2.42 -19.22
N ASP B 457 4.72 1.69 -18.31
CA ASP B 457 5.31 1.52 -16.99
C ASP B 457 6.73 0.96 -17.10
N LYS B 458 6.88 -0.07 -17.92
CA LYS B 458 8.19 -0.66 -18.14
C LYS B 458 9.13 0.45 -18.62
N LYS B 459 8.70 1.17 -19.65
CA LYS B 459 9.52 2.23 -20.21
C LYS B 459 9.91 3.25 -19.12
N ILE B 460 8.95 3.64 -18.28
CA ILE B 460 9.20 4.66 -17.27
C ILE B 460 10.28 4.29 -16.26
N ILE B 461 10.14 3.16 -15.59
CA ILE B 461 11.15 2.74 -14.62
C ILE B 461 12.45 2.34 -15.29
N SER B 462 12.40 2.03 -16.58
CA SER B 462 13.59 1.65 -17.35
C SER B 462 14.45 2.87 -17.62
N PHE B 463 13.81 3.98 -17.96
CA PHE B 463 14.51 5.22 -18.21
C PHE B 463 14.99 5.80 -16.89
N TYR B 464 14.11 5.87 -15.89
CA TYR B 464 14.48 6.42 -14.59
C TYR B 464 15.71 5.73 -14.01
N ASN B 465 15.82 4.42 -14.18
CA ASN B 465 16.99 3.70 -13.69
C ASN B 465 18.30 4.21 -14.30
N ARG B 466 18.37 4.26 -15.64
CA ARG B 466 19.52 4.85 -16.33
C ARG B 466 19.96 6.20 -15.69
N LYS B 467 19.05 7.18 -15.68
CA LYS B 467 19.33 8.50 -15.12
C LYS B 467 19.97 8.48 -13.73
N GLN B 468 19.51 7.58 -12.86
CA GLN B 468 20.14 7.42 -11.55
C GLN B 468 21.56 6.89 -11.72
N LYS B 469 21.71 5.90 -12.59
CA LYS B 469 23.03 5.29 -12.86
C LYS B 469 24.10 6.37 -13.08
N ALA B 470 23.77 7.40 -13.87
CA ALA B 470 24.60 8.60 -13.97
C ALA B 470 24.62 9.37 -12.63
#